data_3T34
#
_entry.id   3T34
#
_cell.length_a   53.471
_cell.length_b   86.407
_cell.length_c   88.485
_cell.angle_alpha   90.00
_cell.angle_beta   90.55
_cell.angle_gamma   90.00
#
_symmetry.space_group_name_H-M   'P 1 21 1'
#
loop_
_entity.id
_entity.type
_entity.pdbx_description
1 polymer 'Dynamin-related protein 1A, LINKER, Dynamin-related protein 1A'
2 non-polymer "GUANOSINE-5'-DIPHOSPHATE"
3 non-polymer 'TETRAFLUOROALUMINATE ION'
4 non-polymer 'MAGNESIUM ION'
5 non-polymer 'SODIUM ION'
6 water water
#
_entity_poly.entity_id   1
_entity_poly.type   'polypeptide(L)'
_entity_poly.pdbx_seq_one_letter_code
;MENLISLVNKIQRACTALGDHGDSSALPTLWDSLPAIAVVGGQSSGKSSVLESIVGKDFLPRGSGIVTRRPLVLQLQKID
DGTREYAEFLHLPRKKFTDFAAVRKEIQDETDRETGRSKAISSVPIHLSIYSPNVVNLTLIDLPGLTKVAVDGQSDSIVK
DIENMVRSYIEKPNCIILAISPANQDLATSDAIKISREVDPSGDRTFGVLTKIDLMDKGTDAVEILEGRSFKLKYPWVGV
VNRSQADINKNVDMIAARKREREYFSNTTEYRHLANKMGSEHLAKMLSKHLERVIKSRIPGIQSLINKTVLELETELSRL
GKPIAHGTDSRVDPAIMERRSAISKRLELYRAAQSEIDAV
;
_entity_poly.pdbx_strand_id   A,B
#
# COMPACT_ATOMS: atom_id res chain seq x y z
N GLU A 2 11.38 4.50 -32.48
CA GLU A 2 12.20 5.28 -33.40
C GLU A 2 13.21 4.43 -34.18
N ASN A 3 12.79 3.29 -34.75
CA ASN A 3 11.39 2.87 -34.89
C ASN A 3 10.52 4.00 -35.46
N LEU A 4 9.22 3.93 -35.20
CA LEU A 4 8.26 4.84 -35.81
C LEU A 4 8.62 6.31 -35.65
N ILE A 5 8.90 6.72 -34.43
CA ILE A 5 8.88 8.15 -34.10
C ILE A 5 9.99 8.99 -34.74
N SER A 6 11.17 8.42 -35.00
CA SER A 6 12.23 9.21 -35.67
C SER A 6 11.94 9.40 -37.16
N LEU A 7 11.41 8.38 -37.82
CA LEU A 7 10.97 8.50 -39.19
C LEU A 7 10.09 9.74 -39.29
N VAL A 8 9.06 9.81 -38.46
CA VAL A 8 8.18 10.96 -38.45
C VAL A 8 8.96 12.26 -38.28
N ASN A 9 9.89 12.29 -37.31
CA ASN A 9 10.64 13.51 -37.00
C ASN A 9 11.53 14.10 -38.10
N LYS A 10 12.30 13.26 -38.77
CA LYS A 10 13.08 13.78 -39.88
C LYS A 10 12.14 14.27 -40.98
N ILE A 11 11.08 13.51 -41.22
CA ILE A 11 10.11 13.84 -42.26
C ILE A 11 9.66 15.31 -42.23
N GLN A 12 10.15 16.08 -41.26
CA GLN A 12 10.03 17.54 -41.35
C GLN A 12 11.14 18.23 -40.59
N ARG A 13 11.01 18.20 -39.27
CA ARG A 13 11.92 18.87 -38.37
C ARG A 13 13.36 18.79 -38.86
N ALA A 14 13.71 17.68 -39.50
CA ALA A 14 15.05 17.51 -40.01
C ALA A 14 15.17 17.74 -41.52
N CYS A 15 14.42 16.98 -42.31
CA CYS A 15 14.63 17.00 -43.75
C CYS A 15 13.60 17.83 -44.53
N THR A 16 12.37 17.94 -44.03
CA THR A 16 11.35 18.70 -44.76
C THR A 16 10.41 19.61 -43.94
N ALA A 17 10.99 20.30 -42.98
CA ALA A 17 10.50 21.61 -42.53
C ALA A 17 11.78 22.42 -42.66
N LEU A 18 12.82 21.72 -43.11
CA LEU A 18 14.09 22.27 -43.56
C LEU A 18 13.87 23.34 -44.63
N GLY A 19 12.64 23.45 -45.12
CA GLY A 19 12.27 24.49 -46.08
C GLY A 19 12.37 25.88 -45.48
N ASP A 20 11.92 26.89 -46.21
CA ASP A 20 12.13 28.28 -45.79
C ASP A 20 11.40 28.70 -44.51
N HIS A 21 12.16 28.71 -43.41
CA HIS A 21 11.71 29.17 -42.11
C HIS A 21 12.23 30.58 -41.90
N GLY A 22 11.83 31.20 -40.79
CA GLY A 22 12.41 32.48 -40.41
C GLY A 22 11.66 33.70 -40.89
N ASP A 23 10.34 33.66 -40.77
CA ASP A 23 9.49 34.83 -40.98
C ASP A 23 8.29 34.80 -40.02
N SER A 24 8.58 34.70 -38.71
CA SER A 24 7.56 34.77 -37.64
C SER A 24 6.76 33.49 -37.38
N SER A 25 7.40 32.33 -37.52
CA SER A 25 6.72 31.05 -37.34
C SER A 25 6.82 30.55 -35.89
N ALA A 26 5.76 30.80 -35.12
CA ALA A 26 5.75 30.51 -33.69
C ALA A 26 4.67 29.49 -33.31
N LEU A 27 5.09 28.36 -32.74
CA LEU A 27 6.51 28.04 -32.54
C LEU A 27 6.74 26.52 -32.53
N ASP A 32 8.92 22.50 -32.00
CA ASP A 32 8.27 21.21 -31.81
C ASP A 32 8.54 20.67 -30.41
N SER A 33 7.80 21.19 -29.43
CA SER A 33 7.99 20.79 -28.04
C SER A 33 7.28 19.48 -27.74
N LEU A 34 8.04 18.48 -27.33
CA LEU A 34 7.48 17.20 -26.94
C LEU A 34 7.33 17.14 -25.43
N PRO A 35 6.10 16.90 -24.98
CA PRO A 35 5.80 16.87 -23.54
C PRO A 35 6.61 15.81 -22.79
N ALA A 36 6.99 16.14 -21.56
CA ALA A 36 7.72 15.20 -20.70
C ALA A 36 6.95 13.90 -20.45
N ILE A 37 7.67 12.84 -20.07
CA ILE A 37 7.03 11.69 -19.44
C ILE A 37 7.60 11.35 -18.05
N ALA A 38 6.71 11.35 -17.04
CA ALA A 38 7.09 11.25 -15.61
C ALA A 38 6.43 10.09 -14.87
N VAL A 39 7.21 9.28 -14.18
CA VAL A 39 6.65 8.18 -13.39
C VAL A 39 6.14 8.60 -11.99
N VAL A 40 4.99 8.09 -11.60
CA VAL A 40 4.43 8.39 -10.28
C VAL A 40 3.86 7.11 -9.70
N GLY A 41 3.73 7.08 -8.37
CA GLY A 41 3.35 5.84 -7.72
C GLY A 41 3.95 5.82 -6.34
N GLY A 42 3.47 4.90 -5.52
CA GLY A 42 4.04 4.74 -4.20
C GLY A 42 5.51 4.38 -4.23
N GLN A 43 6.19 4.76 -3.16
CA GLN A 43 7.49 4.21 -2.83
C GLN A 43 7.57 2.71 -3.14
N SER A 44 8.54 2.40 -4.01
CA SER A 44 8.85 1.05 -4.41
C SER A 44 7.77 0.37 -5.24
N SER A 45 6.98 1.15 -5.95
CA SER A 45 6.05 0.52 -6.88
C SER A 45 6.76 0.03 -8.16
N GLY A 46 7.97 0.51 -8.39
CA GLY A 46 8.74 0.04 -9.53
C GLY A 46 8.91 1.13 -10.58
N LYS A 47 8.73 2.38 -10.18
CA LYS A 47 8.91 3.50 -11.11
C LYS A 47 10.26 3.45 -11.85
N SER A 48 11.37 3.28 -11.13
CA SER A 48 12.69 3.37 -11.77
C SER A 48 12.88 2.21 -12.71
N SER A 49 12.29 1.07 -12.35
CA SER A 49 12.35 -0.09 -13.22
C SER A 49 11.57 0.15 -14.52
N VAL A 50 10.40 0.77 -14.42
CA VAL A 50 9.56 1.04 -15.61
C VAL A 50 10.26 2.04 -16.57
N LEU A 51 10.73 3.15 -16.02
CA LEU A 51 11.43 4.20 -16.76
C LEU A 51 12.64 3.68 -17.56
N GLU A 52 13.49 2.88 -16.91
CA GLU A 52 14.64 2.23 -17.55
C GLU A 52 14.18 1.44 -18.78
N SER A 53 13.24 0.55 -18.54
CA SER A 53 12.64 -0.30 -19.56
C SER A 53 12.21 0.51 -20.79
N ILE A 54 11.67 1.71 -20.56
CA ILE A 54 11.13 2.53 -21.63
C ILE A 54 12.33 3.11 -22.44
N VAL A 55 13.34 3.63 -21.74
CA VAL A 55 14.59 4.08 -22.34
C VAL A 55 15.41 2.91 -22.93
N GLY A 56 15.24 1.71 -22.39
CA GLY A 56 15.87 0.53 -22.98
C GLY A 56 17.26 0.17 -22.49
N LYS A 57 17.75 0.88 -21.49
CA LYS A 57 19.03 0.56 -20.88
C LYS A 57 18.96 0.74 -19.38
N ASP A 58 19.76 -0.08 -18.69
CA ASP A 58 19.88 -0.05 -17.24
C ASP A 58 20.82 1.07 -16.84
N PHE A 59 20.27 2.08 -16.15
CA PHE A 59 21.07 3.23 -15.78
C PHE A 59 20.57 3.97 -14.53
N LEU A 60 19.45 3.51 -13.96
CA LEU A 60 18.82 4.14 -12.80
C LEU A 60 18.92 3.20 -11.60
N PRO A 61 19.39 3.72 -10.46
CA PRO A 61 19.31 2.96 -9.20
C PRO A 61 17.87 2.49 -8.86
N ARG A 62 17.74 1.18 -8.58
CA ARG A 62 16.44 0.60 -8.27
C ARG A 62 16.60 -0.13 -6.98
N GLY A 63 15.52 -0.70 -6.47
CA GLY A 63 15.59 -1.45 -5.24
C GLY A 63 14.71 -0.95 -4.12
N SER A 64 15.33 -0.82 -2.96
CA SER A 64 14.83 -1.11 -1.60
C SER A 64 13.34 -0.99 -1.20
N GLY A 65 12.90 -0.23 -0.17
CA GLY A 65 13.65 0.80 0.52
C GLY A 65 13.46 2.10 -0.26
N ILE A 66 13.88 3.23 0.29
CA ILE A 66 13.85 4.47 -0.47
C ILE A 66 15.13 4.54 -1.31
N VAL A 67 15.04 4.50 -2.63
CA VAL A 67 16.28 4.67 -3.35
C VAL A 67 16.38 5.90 -4.25
N THR A 68 15.39 6.14 -5.11
CA THR A 68 15.26 7.42 -5.80
C THR A 68 14.81 8.45 -4.77
N ARG A 69 15.64 9.43 -4.53
CA ARG A 69 15.40 10.40 -3.49
C ARG A 69 15.45 11.81 -4.08
N ARG A 70 15.97 11.92 -5.31
CA ARG A 70 15.89 13.18 -6.09
C ARG A 70 15.19 13.01 -7.43
N PRO A 71 14.50 14.06 -7.89
CA PRO A 71 14.03 14.03 -9.28
C PRO A 71 15.23 13.89 -10.20
N LEU A 72 15.14 13.00 -11.17
CA LEU A 72 16.18 12.85 -12.17
C LEU A 72 15.61 13.25 -13.53
N VAL A 73 15.92 14.45 -13.98
CA VAL A 73 15.41 14.91 -15.26
C VAL A 73 16.32 14.47 -16.39
N LEU A 74 15.84 13.53 -17.20
CA LEU A 74 16.56 13.01 -18.37
C LEU A 74 16.11 13.69 -19.69
N GLN A 75 17.06 14.23 -20.43
CA GLN A 75 16.73 14.65 -21.79
C GLN A 75 17.42 13.74 -22.78
N LEU A 76 16.64 12.98 -23.52
CA LEU A 76 17.16 12.23 -24.63
C LEU A 76 17.45 13.22 -25.75
N GLN A 77 18.51 12.99 -26.51
CA GLN A 77 18.87 13.92 -27.58
C GLN A 77 19.29 13.20 -28.85
N LYS A 78 18.66 13.60 -29.96
CA LYS A 78 18.99 13.07 -31.28
C LYS A 78 20.36 13.60 -31.78
N ILE A 79 21.10 12.72 -32.43
CA ILE A 79 22.50 13.00 -32.77
C ILE A 79 22.74 12.74 -34.26
N ASP A 80 23.48 13.65 -34.89
CA ASP A 80 23.78 13.57 -36.34
C ASP A 80 24.22 12.18 -36.84
N ASP A 81 23.38 11.18 -36.64
CA ASP A 81 23.79 9.79 -36.72
C ASP A 81 25.31 9.62 -36.77
N GLY A 82 25.96 10.02 -35.68
CA GLY A 82 27.33 9.67 -35.41
C GLY A 82 27.24 8.50 -34.46
N THR A 83 27.67 7.33 -34.91
CA THR A 83 27.60 6.12 -34.09
C THR A 83 28.35 6.35 -32.77
N ARG A 84 28.08 7.50 -32.16
CA ARG A 84 28.84 7.97 -31.00
C ARG A 84 27.95 8.18 -29.77
N GLU A 85 27.30 7.12 -29.31
CA GLU A 85 26.37 7.21 -28.18
C GLU A 85 27.05 7.43 -26.82
N TYR A 86 26.51 8.36 -26.03
CA TYR A 86 27.11 8.73 -24.76
C TYR A 86 26.16 9.52 -23.88
N ALA A 87 26.46 9.58 -22.58
CA ALA A 87 25.67 10.38 -21.63
C ALA A 87 26.53 11.40 -20.90
N GLU A 88 25.86 12.37 -20.28
CA GLU A 88 26.52 13.55 -19.71
C GLU A 88 25.61 14.25 -18.70
N PHE A 89 26.15 14.58 -17.54
CA PHE A 89 25.43 15.30 -16.49
C PHE A 89 25.72 16.78 -16.52
N LEU A 90 24.71 17.56 -16.15
CA LEU A 90 24.86 18.97 -15.85
C LEU A 90 25.91 19.21 -14.79
N HIS A 91 25.90 18.42 -13.72
CA HIS A 91 26.75 18.71 -12.57
C HIS A 91 28.18 18.20 -12.78
N LEU A 92 28.45 17.60 -13.94
CA LEU A 92 29.82 17.14 -14.28
C LEU A 92 30.22 17.46 -15.72
N PRO A 93 30.41 18.75 -16.04
CA PRO A 93 30.80 19.16 -17.39
C PRO A 93 32.16 18.60 -17.82
N ARG A 94 32.32 18.29 -19.11
CA ARG A 94 33.60 17.85 -19.67
C ARG A 94 33.84 16.40 -19.34
N LYS A 95 32.75 15.68 -19.11
CA LYS A 95 32.80 14.31 -18.67
C LYS A 95 31.73 13.56 -19.43
N LYS A 96 32.17 12.64 -20.28
CA LYS A 96 31.24 11.83 -21.04
C LYS A 96 31.29 10.38 -20.56
N PHE A 97 30.12 9.75 -20.53
CA PHE A 97 30.00 8.34 -20.14
C PHE A 97 29.66 7.49 -21.36
N THR A 98 30.12 6.25 -21.36
CA THR A 98 29.70 5.29 -22.38
C THR A 98 29.27 3.96 -21.73
N ASP A 99 29.34 3.92 -20.41
CA ASP A 99 28.86 2.77 -19.64
C ASP A 99 27.71 3.20 -18.71
N PHE A 100 26.48 2.83 -19.06
CA PHE A 100 25.33 3.33 -18.33
C PHE A 100 25.31 2.82 -16.88
N ALA A 101 26.16 1.83 -16.60
CA ALA A 101 26.32 1.38 -15.24
C ALA A 101 27.04 2.47 -14.43
N ALA A 102 27.98 3.15 -15.07
CA ALA A 102 28.71 4.26 -14.42
C ALA A 102 27.85 5.51 -14.31
N VAL A 103 26.94 5.70 -15.28
CA VAL A 103 25.89 6.71 -15.13
C VAL A 103 25.02 6.35 -13.94
N ARG A 104 24.63 5.10 -13.87
CA ARG A 104 23.81 4.62 -12.77
C ARG A 104 24.53 4.90 -11.46
N LYS A 105 25.80 4.50 -11.40
CA LYS A 105 26.63 4.79 -10.23
C LYS A 105 26.79 6.29 -9.94
N GLU A 106 27.00 7.11 -10.97
CA GLU A 106 27.06 8.54 -10.75
C GLU A 106 25.77 9.10 -10.15
N ILE A 107 24.61 8.63 -10.67
CA ILE A 107 23.32 9.02 -10.09
C ILE A 107 23.20 8.71 -8.60
N GLN A 108 23.79 7.59 -8.18
CA GLN A 108 23.74 7.24 -6.75
C GLN A 108 24.66 8.13 -5.89
N ASP A 109 25.90 8.34 -6.33
CA ASP A 109 26.81 9.21 -5.58
C ASP A 109 26.32 10.65 -5.47
N GLU A 110 25.85 11.22 -6.58
CA GLU A 110 25.38 12.59 -6.54
C GLU A 110 24.17 12.70 -5.66
N THR A 111 23.40 11.61 -5.58
CA THR A 111 22.27 11.61 -4.66
C THR A 111 22.76 11.51 -3.22
N ASP A 112 23.76 10.69 -2.95
CA ASP A 112 24.27 10.64 -1.60
C ASP A 112 24.83 11.98 -1.16
N ARG A 113 25.77 12.50 -1.93
CA ARG A 113 26.24 13.88 -1.77
C ARG A 113 25.26 14.82 -1.06
N GLU A 114 23.99 14.81 -1.45
CA GLU A 114 23.02 15.74 -0.88
C GLU A 114 22.02 15.17 0.12
N THR A 115 22.31 14.04 0.75
CA THR A 115 21.34 13.44 1.66
C THR A 115 21.98 12.57 2.75
N GLY A 116 22.21 11.29 2.41
CA GLY A 116 22.82 10.34 3.31
C GLY A 116 21.91 9.13 3.49
N ARG A 117 22.46 8.05 4.05
CA ARG A 117 21.66 6.86 4.34
C ARG A 117 20.70 7.05 5.55
N SER A 118 20.58 8.28 6.02
CA SER A 118 19.51 8.65 6.95
C SER A 118 18.30 9.09 6.15
N LYS A 119 18.39 8.86 4.83
CA LYS A 119 17.24 8.71 3.91
C LYS A 119 16.34 9.93 3.66
N ALA A 120 16.94 11.10 3.57
CA ALA A 120 16.18 12.32 3.26
C ALA A 120 16.06 12.58 1.75
N ILE A 121 14.98 13.23 1.36
CA ILE A 121 14.78 13.56 -0.04
C ILE A 121 15.07 15.04 -0.30
N SER A 122 15.60 15.33 -1.49
CA SER A 122 15.72 16.71 -1.98
C SER A 122 14.87 16.93 -3.24
N SER A 123 14.58 18.20 -3.53
CA SER A 123 13.77 18.54 -4.69
C SER A 123 14.62 19.12 -5.82
N VAL A 124 15.88 19.42 -5.54
CA VAL A 124 16.76 19.87 -6.62
C VAL A 124 17.11 18.71 -7.53
N PRO A 125 16.70 18.81 -8.82
CA PRO A 125 16.91 17.79 -9.85
C PRO A 125 18.36 17.49 -10.14
N ILE A 126 18.61 16.27 -10.63
CA ILE A 126 19.85 15.92 -11.29
C ILE A 126 19.54 15.97 -12.77
N HIS A 127 20.40 16.61 -13.57
CA HIS A 127 20.21 16.68 -15.02
C HIS A 127 21.13 15.76 -15.76
N LEU A 128 20.57 15.02 -16.69
CA LEU A 128 21.36 14.04 -17.43
C LEU A 128 20.89 14.01 -18.87
N SER A 129 21.83 13.91 -19.82
CA SER A 129 21.47 13.78 -21.24
C SER A 129 21.98 12.49 -21.82
N ILE A 130 21.16 11.86 -22.64
CA ILE A 130 21.63 10.71 -23.38
C ILE A 130 21.58 10.95 -24.89
N TYR A 131 22.77 11.01 -25.51
CA TYR A 131 22.92 11.29 -26.96
C TYR A 131 22.94 10.00 -27.74
N SER A 132 22.09 9.97 -28.77
CA SER A 132 21.82 8.73 -29.50
C SER A 132 21.16 9.00 -30.85
N PRO A 133 21.56 8.28 -31.89
CA PRO A 133 20.80 8.37 -33.14
C PRO A 133 19.58 7.43 -33.13
N ASN A 134 19.41 6.67 -32.06
CA ASN A 134 18.26 5.78 -31.94
C ASN A 134 17.16 6.31 -31.00
N VAL A 135 17.17 7.62 -30.77
CA VAL A 135 16.21 8.29 -29.89
C VAL A 135 15.74 9.58 -30.56
N VAL A 136 14.62 10.15 -30.09
CA VAL A 136 14.23 11.50 -30.49
C VAL A 136 14.16 12.44 -29.27
N ASN A 137 14.25 13.75 -29.51
CA ASN A 137 14.27 14.76 -28.45
C ASN A 137 13.14 14.64 -27.44
N LEU A 138 13.48 14.31 -26.19
CA LEU A 138 12.48 13.85 -25.25
C LEU A 138 12.95 13.94 -23.81
N THR A 139 12.15 14.60 -22.98
CA THR A 139 12.42 14.65 -21.56
C THR A 139 11.63 13.60 -20.77
N LEU A 140 12.34 12.90 -19.90
CA LEU A 140 11.76 11.84 -19.11
C LEU A 140 12.13 12.13 -17.66
N ILE A 141 11.24 11.75 -16.74
CA ILE A 141 11.41 12.15 -15.34
C ILE A 141 11.15 11.03 -14.34
N ASP A 142 12.20 10.74 -13.59
CA ASP A 142 12.11 9.72 -12.56
C ASP A 142 11.92 10.46 -11.27
N LEU A 143 11.03 9.97 -10.41
CA LEU A 143 10.68 10.67 -9.18
C LEU A 143 10.67 9.74 -7.95
N PRO A 144 11.04 10.29 -6.78
CA PRO A 144 10.91 9.59 -5.51
C PRO A 144 9.45 9.15 -5.33
N GLY A 145 9.20 8.00 -4.70
CA GLY A 145 7.85 7.50 -4.51
C GLY A 145 7.11 8.10 -3.32
N LEU A 146 5.79 8.16 -3.40
CA LEU A 146 4.98 8.77 -2.34
C LEU A 146 4.96 7.88 -1.12
N THR A 147 5.15 8.47 0.05
CA THR A 147 5.09 7.74 1.29
C THR A 147 3.94 8.28 2.10
N LYS A 148 3.68 7.64 3.22
CA LYS A 148 2.60 8.04 4.08
C LYS A 148 3.15 8.39 5.44
N VAL A 149 4.27 7.75 5.80
CA VAL A 149 4.80 7.87 7.13
C VAL A 149 5.94 8.86 7.29
N ALA A 150 7.17 8.42 7.06
CA ALA A 150 8.36 9.08 7.60
C ALA A 150 9.05 8.12 8.55
N VAL A 151 10.34 7.92 8.39
CA VAL A 151 11.05 7.10 9.36
C VAL A 151 12.57 7.11 9.14
N ASP A 152 13.24 6.08 9.63
CA ASP A 152 14.68 6.15 9.86
C ASP A 152 14.86 7.46 10.59
N GLY A 153 15.57 8.39 9.97
CA GLY A 153 15.81 9.68 10.57
C GLY A 153 15.15 10.82 9.82
N GLN A 154 14.61 10.50 8.65
CA GLN A 154 14.20 11.53 7.69
C GLN A 154 13.31 12.59 8.30
N SER A 155 13.39 13.81 7.74
CA SER A 155 12.63 14.94 8.24
C SER A 155 11.21 14.55 8.62
N ASP A 156 10.53 15.43 9.32
CA ASP A 156 9.19 15.13 9.78
C ASP A 156 8.19 15.54 8.71
N SER A 157 8.66 16.38 7.81
CA SER A 157 7.82 17.02 6.80
C SER A 157 7.82 16.20 5.51
N ILE A 158 8.66 15.18 5.49
CA ILE A 158 8.94 14.46 4.25
C ILE A 158 7.73 14.01 3.47
N VAL A 159 6.64 13.73 4.16
CA VAL A 159 5.53 13.09 3.48
C VAL A 159 4.93 13.95 2.38
N LYS A 160 4.71 15.24 2.65
CA LYS A 160 4.07 16.11 1.67
C LYS A 160 5.12 16.83 0.81
N ASP A 161 6.36 16.85 1.30
CA ASP A 161 7.51 17.37 0.56
C ASP A 161 7.73 16.56 -0.71
N ILE A 162 7.51 15.26 -0.59
CA ILE A 162 7.52 14.36 -1.73
C ILE A 162 6.25 14.60 -2.53
N GLU A 163 5.14 14.83 -1.83
CA GLU A 163 3.86 15.02 -2.50
C GLU A 163 3.85 16.27 -3.38
N ASN A 164 4.71 17.23 -3.07
CA ASN A 164 4.70 18.49 -3.81
C ASN A 164 5.70 18.42 -4.92
N MET A 165 6.90 17.97 -4.58
CA MET A 165 7.94 17.66 -5.55
C MET A 165 7.37 16.98 -6.79
N VAL A 166 6.67 15.87 -6.58
CA VAL A 166 6.04 15.11 -7.66
C VAL A 166 4.90 15.90 -8.30
N ARG A 167 4.17 16.64 -7.48
CA ARG A 167 3.06 17.45 -7.98
C ARG A 167 3.60 18.58 -8.86
N SER A 168 4.75 19.11 -8.46
CA SER A 168 5.39 20.23 -9.14
C SER A 168 5.74 19.91 -10.58
N TYR A 169 6.12 18.66 -10.84
CA TYR A 169 6.38 18.26 -12.21
C TYR A 169 5.04 17.95 -12.87
N ILE A 170 4.30 17.08 -12.21
CA ILE A 170 3.14 16.46 -12.78
C ILE A 170 1.98 17.44 -13.07
N GLU A 171 2.01 18.59 -12.39
CA GLU A 171 1.03 19.67 -12.63
C GLU A 171 1.05 20.13 -14.09
N LYS A 172 2.21 20.60 -14.53
CA LYS A 172 2.37 21.01 -15.93
C LYS A 172 1.53 20.15 -16.89
N PRO A 173 0.60 20.79 -17.64
CA PRO A 173 -0.28 20.13 -18.61
C PRO A 173 0.51 19.36 -19.67
N ASN A 174 1.63 19.93 -20.09
CA ASN A 174 2.54 19.28 -21.03
C ASN A 174 3.35 18.12 -20.42
N CYS A 175 2.69 17.26 -19.65
CA CYS A 175 3.37 16.14 -19.02
C CYS A 175 2.55 14.88 -19.16
N ILE A 176 3.08 13.89 -19.88
CA ILE A 176 2.49 12.56 -19.85
C ILE A 176 2.81 11.87 -18.53
N ILE A 177 1.78 11.35 -17.88
CA ILE A 177 1.92 10.77 -16.55
C ILE A 177 1.89 9.26 -16.64
N LEU A 178 2.96 8.62 -16.19
CA LEU A 178 2.97 7.17 -16.00
C LEU A 178 2.64 6.81 -14.53
N ALA A 179 1.38 6.47 -14.30
CA ALA A 179 0.88 6.13 -12.98
C ALA A 179 1.20 4.68 -12.78
N ILE A 180 2.19 4.41 -11.94
CA ILE A 180 2.62 3.05 -11.65
C ILE A 180 1.96 2.48 -10.38
N SER A 181 1.04 1.55 -10.54
CA SER A 181 0.48 0.86 -9.40
C SER A 181 0.82 -0.64 -9.39
N PRO A 182 1.21 -1.17 -8.20
CA PRO A 182 1.57 -2.59 -8.13
C PRO A 182 0.36 -3.49 -7.96
N ALA A 183 0.44 -4.69 -8.51
CA ALA A 183 -0.71 -5.59 -8.53
C ALA A 183 -0.85 -6.38 -7.24
N ASN A 184 0.06 -6.17 -6.29
CA ASN A 184 -0.03 -6.94 -5.04
C ASN A 184 -0.73 -6.14 -3.93
N GLN A 185 -1.20 -4.95 -4.28
CA GLN A 185 -2.12 -4.14 -3.47
C GLN A 185 -3.44 -3.87 -4.24
N ASP A 186 -4.53 -3.69 -3.49
CA ASP A 186 -5.76 -3.30 -4.13
C ASP A 186 -5.67 -1.94 -4.81
N LEU A 187 -6.08 -1.91 -6.05
CA LEU A 187 -6.12 -0.65 -6.79
C LEU A 187 -6.68 0.50 -5.95
N ALA A 188 -7.74 0.25 -5.17
CA ALA A 188 -8.30 1.29 -4.29
C ALA A 188 -7.24 1.94 -3.43
N THR A 189 -6.20 1.19 -3.06
CA THR A 189 -5.07 1.74 -2.31
C THR A 189 -3.96 2.39 -3.18
N SER A 190 -4.21 2.60 -4.47
CA SER A 190 -3.09 3.08 -5.29
C SER A 190 -2.82 4.57 -5.15
N ASP A 191 -1.70 4.92 -4.55
CA ASP A 191 -1.20 6.27 -4.51
C ASP A 191 -1.08 6.90 -5.91
N ALA A 192 -0.74 6.09 -6.91
CA ALA A 192 -0.53 6.61 -8.25
C ALA A 192 -1.87 6.99 -8.89
N ILE A 193 -2.88 6.14 -8.69
CA ILE A 193 -4.20 6.41 -9.24
C ILE A 193 -4.73 7.62 -8.50
N LYS A 194 -4.41 7.70 -7.22
CA LYS A 194 -4.84 8.83 -6.42
C LYS A 194 -4.35 10.13 -7.05
N ILE A 195 -3.02 10.29 -7.10
CA ILE A 195 -2.36 11.52 -7.56
C ILE A 195 -2.65 11.94 -9.01
N SER A 196 -2.85 10.97 -9.90
CA SER A 196 -3.03 11.24 -11.31
C SER A 196 -4.46 11.69 -11.63
N ARG A 197 -5.35 11.50 -10.64
CA ARG A 197 -6.67 12.14 -10.59
C ARG A 197 -6.50 13.56 -10.04
N GLU A 198 -5.83 13.68 -8.90
CA GLU A 198 -5.49 14.97 -8.30
C GLU A 198 -5.18 16.08 -9.30
N VAL A 199 -4.34 15.77 -10.28
CA VAL A 199 -3.77 16.79 -11.15
C VAL A 199 -4.34 16.71 -12.56
N ASP A 200 -4.83 15.54 -12.94
CA ASP A 200 -5.33 15.34 -14.29
C ASP A 200 -6.69 14.64 -14.24
N PRO A 201 -7.64 15.24 -13.51
CA PRO A 201 -8.96 14.61 -13.28
C PRO A 201 -9.50 13.90 -14.51
N SER A 202 -9.42 14.57 -15.65
CA SER A 202 -9.94 14.00 -16.88
C SER A 202 -9.27 12.69 -17.20
N GLY A 203 -8.16 12.42 -16.51
CA GLY A 203 -7.33 11.29 -16.88
C GLY A 203 -6.87 11.33 -18.34
N ASP A 204 -6.69 12.53 -18.89
CA ASP A 204 -6.41 12.73 -20.33
C ASP A 204 -4.97 12.41 -20.80
N ARG A 205 -3.99 12.82 -20.01
CA ARG A 205 -2.59 12.51 -20.26
C ARG A 205 -2.04 11.54 -19.22
N THR A 206 -2.79 10.46 -18.94
CA THR A 206 -2.38 9.47 -17.93
C THR A 206 -2.49 8.07 -18.47
N PHE A 207 -1.35 7.37 -18.50
CA PHE A 207 -1.32 5.95 -18.83
C PHE A 207 -1.12 5.17 -17.55
N GLY A 208 -1.85 4.07 -17.36
CA GLY A 208 -1.72 3.30 -16.14
C GLY A 208 -0.84 2.09 -16.33
N VAL A 209 0.12 1.90 -15.40
CA VAL A 209 0.99 0.77 -15.50
C VAL A 209 0.88 -0.11 -14.28
N LEU A 210 0.73 -1.42 -14.49
CA LEU A 210 0.50 -2.39 -13.45
C LEU A 210 1.74 -3.23 -13.25
N THR A 211 2.41 -3.05 -12.13
CA THR A 211 3.66 -3.75 -11.87
C THR A 211 3.52 -4.91 -10.90
N LYS A 212 4.51 -5.77 -10.86
CA LYS A 212 4.56 -6.79 -9.82
C LYS A 212 3.40 -7.78 -9.93
N ILE A 213 2.89 -7.93 -11.15
CA ILE A 213 1.91 -8.95 -11.45
C ILE A 213 2.36 -10.35 -11.06
N ASP A 214 3.63 -10.66 -11.30
CA ASP A 214 4.22 -11.90 -10.80
C ASP A 214 4.20 -12.01 -9.26
N LEU A 215 3.83 -10.94 -8.57
CA LEU A 215 3.87 -11.02 -7.10
C LEU A 215 2.49 -11.28 -6.45
N MET A 216 1.45 -11.43 -7.25
CA MET A 216 0.12 -11.63 -6.69
C MET A 216 -0.10 -12.88 -5.81
N ASP A 217 -0.82 -12.66 -4.71
CA ASP A 217 -1.35 -13.73 -3.88
C ASP A 217 -2.04 -14.79 -4.76
N LYS A 218 -1.69 -16.06 -4.53
CA LYS A 218 -2.37 -17.17 -5.16
C LYS A 218 -3.84 -17.01 -4.87
N GLY A 219 -4.65 -17.14 -5.90
CA GLY A 219 -6.09 -16.97 -5.77
C GLY A 219 -6.56 -15.68 -6.43
N THR A 220 -5.62 -14.80 -6.73
CA THR A 220 -5.92 -13.53 -7.37
C THR A 220 -5.24 -13.40 -8.72
N ASP A 221 -5.72 -12.48 -9.55
CA ASP A 221 -5.07 -12.19 -10.82
C ASP A 221 -5.48 -10.80 -11.30
N ALA A 222 -4.66 -10.26 -12.22
CA ALA A 222 -4.81 -8.90 -12.70
C ALA A 222 -5.73 -8.77 -13.91
N VAL A 223 -6.21 -9.91 -14.42
CA VAL A 223 -7.00 -9.91 -15.67
C VAL A 223 -8.09 -8.85 -15.73
N GLU A 224 -8.75 -8.62 -14.61
CA GLU A 224 -9.86 -7.69 -14.57
C GLU A 224 -9.39 -6.25 -14.70
N ILE A 225 -8.24 -5.93 -14.13
CA ILE A 225 -7.70 -4.59 -14.27
C ILE A 225 -7.11 -4.38 -15.66
N LEU A 226 -6.40 -5.39 -16.14
CA LEU A 226 -5.70 -5.29 -17.40
C LEU A 226 -6.75 -5.11 -18.49
N GLU A 227 -7.66 -6.09 -18.57
CA GLU A 227 -8.78 -6.07 -19.50
C GLU A 227 -9.79 -4.95 -19.23
N GLY A 228 -9.32 -3.84 -18.69
CA GLY A 228 -10.16 -2.67 -18.51
C GLY A 228 -11.47 -2.94 -17.78
N ARG A 229 -11.65 -4.16 -17.29
CA ARG A 229 -12.88 -4.53 -16.58
C ARG A 229 -13.12 -3.64 -15.35
N SER A 230 -12.19 -3.70 -14.40
CA SER A 230 -12.30 -2.98 -13.12
C SER A 230 -12.26 -1.46 -13.26
N PHE A 231 -11.14 -0.87 -12.84
CA PHE A 231 -10.91 0.58 -12.94
C PHE A 231 -10.51 0.93 -14.37
N LYS A 232 -11.29 1.79 -15.02
CA LYS A 232 -11.10 2.10 -16.45
C LYS A 232 -10.44 3.46 -16.69
N LEU A 233 -9.53 3.49 -17.65
CA LEU A 233 -8.75 4.69 -17.97
C LEU A 233 -9.05 5.13 -19.39
N LYS A 234 -8.76 6.39 -19.70
CA LYS A 234 -8.81 6.79 -21.11
C LYS A 234 -8.02 5.79 -21.98
N TYR A 235 -6.86 5.34 -21.49
CA TYR A 235 -6.09 4.34 -22.22
C TYR A 235 -6.00 3.01 -21.50
N PRO A 236 -5.91 1.93 -22.26
CA PRO A 236 -5.82 0.61 -21.62
C PRO A 236 -4.61 0.49 -20.69
N TRP A 237 -4.84 -0.11 -19.52
CA TRP A 237 -3.78 -0.52 -18.62
C TRP A 237 -2.80 -1.39 -19.34
N VAL A 238 -1.51 -1.16 -19.06
CA VAL A 238 -0.43 -2.03 -19.54
C VAL A 238 0.22 -2.67 -18.35
N GLY A 239 0.26 -4.00 -18.32
CA GLY A 239 0.92 -4.67 -17.23
C GLY A 239 2.39 -4.95 -17.49
N VAL A 240 3.23 -4.86 -16.45
CA VAL A 240 4.61 -5.30 -16.59
C VAL A 240 5.14 -6.16 -15.44
N VAL A 241 6.06 -7.05 -15.78
CA VAL A 241 6.87 -7.74 -14.80
C VAL A 241 8.35 -7.31 -14.89
N ASN A 242 8.76 -6.40 -14.02
CA ASN A 242 10.16 -6.00 -13.94
C ASN A 242 10.84 -7.04 -13.12
N ARG A 243 12.15 -6.88 -12.91
CA ARG A 243 12.88 -7.91 -12.17
C ARG A 243 12.86 -7.73 -10.65
N SER A 244 13.08 -8.83 -9.95
CA SER A 244 12.84 -8.90 -8.52
C SER A 244 14.01 -8.30 -7.78
N GLN A 245 13.92 -8.21 -6.46
CA GLN A 245 15.04 -7.68 -5.67
C GLN A 245 16.18 -8.66 -5.67
N ALA A 246 15.84 -9.94 -5.56
CA ALA A 246 16.81 -10.99 -5.78
C ALA A 246 17.49 -10.83 -7.16
N ASP A 247 16.71 -10.53 -8.20
CA ASP A 247 17.29 -10.28 -9.53
C ASP A 247 18.23 -9.07 -9.55
N ILE A 248 18.01 -8.11 -8.64
CA ILE A 248 18.86 -6.95 -8.59
C ILE A 248 20.21 -7.25 -7.94
N ASN A 249 20.23 -8.15 -6.96
CA ASN A 249 21.50 -8.49 -6.33
C ASN A 249 22.25 -9.52 -7.15
N LYS A 250 21.52 -10.19 -8.03
CA LYS A 250 22.11 -11.10 -8.99
C LYS A 250 22.60 -10.35 -10.22
N ASN A 251 22.41 -9.03 -10.21
CA ASN A 251 22.73 -8.19 -11.36
C ASN A 251 22.18 -8.73 -12.69
N VAL A 252 21.00 -9.35 -12.63
CA VAL A 252 20.33 -9.78 -13.86
C VAL A 252 20.26 -8.62 -14.85
N ASP A 253 20.51 -8.88 -16.13
CA ASP A 253 20.50 -7.80 -17.12
C ASP A 253 19.14 -7.56 -17.80
N MET A 254 19.07 -6.47 -18.56
CA MET A 254 17.79 -5.98 -19.09
C MET A 254 17.24 -6.81 -20.24
N ILE A 255 18.14 -7.50 -20.93
CA ILE A 255 17.77 -8.43 -22.01
C ILE A 255 17.16 -9.72 -21.42
N ALA A 256 17.78 -10.25 -20.35
CA ALA A 256 17.19 -11.35 -19.57
C ALA A 256 15.79 -10.98 -19.03
N ALA A 257 15.71 -9.88 -18.32
CA ALA A 257 14.43 -9.37 -17.83
C ALA A 257 13.38 -9.24 -18.95
N ARG A 258 13.81 -8.95 -20.17
CA ARG A 258 12.85 -8.81 -21.27
C ARG A 258 12.26 -10.19 -21.60
N LYS A 259 13.10 -11.20 -21.50
CA LYS A 259 12.71 -12.55 -21.87
C LYS A 259 11.78 -13.08 -20.80
N ARG A 260 12.31 -13.17 -19.59
CA ARG A 260 11.51 -13.43 -18.39
C ARG A 260 10.13 -12.82 -18.52
N GLU A 261 10.09 -11.53 -18.83
CA GLU A 261 8.82 -10.84 -18.85
C GLU A 261 7.87 -11.46 -19.85
N ARG A 262 8.42 -12.03 -20.92
CA ARG A 262 7.60 -12.67 -21.93
C ARG A 262 7.31 -14.13 -21.61
N GLU A 263 8.19 -14.77 -20.85
CA GLU A 263 7.93 -16.07 -20.23
C GLU A 263 7.02 -15.93 -19.01
N TYR A 264 6.26 -14.84 -18.95
CA TYR A 264 5.25 -14.72 -17.91
C TYR A 264 3.95 -14.37 -18.58
N PHE A 265 3.95 -13.31 -19.38
CA PHE A 265 2.71 -12.93 -20.02
C PHE A 265 2.26 -14.00 -21.01
N SER A 266 3.18 -14.85 -21.44
CA SER A 266 2.84 -15.91 -22.40
C SER A 266 2.62 -17.25 -21.70
N ASN A 267 3.53 -17.63 -20.82
CA ASN A 267 3.42 -18.89 -20.09
C ASN A 267 2.46 -18.88 -18.92
N THR A 268 1.76 -17.76 -18.71
CA THR A 268 0.70 -17.79 -17.71
C THR A 268 -0.70 -17.68 -18.31
N THR A 269 -1.23 -18.87 -18.58
CA THR A 269 -2.64 -19.20 -18.53
C THR A 269 -3.64 -18.04 -18.46
N GLU A 270 -3.73 -17.41 -17.29
CA GLU A 270 -4.72 -16.37 -17.06
C GLU A 270 -4.40 -15.10 -17.84
N TYR A 271 -3.28 -15.10 -18.55
CA TYR A 271 -2.76 -13.87 -19.13
C TYR A 271 -2.50 -13.99 -20.64
N ARG A 272 -2.13 -15.20 -21.07
CA ARG A 272 -1.80 -15.50 -22.45
C ARG A 272 -2.61 -14.75 -23.50
N HIS A 273 -3.93 -14.79 -23.41
CA HIS A 273 -4.79 -14.12 -24.38
C HIS A 273 -4.61 -12.61 -24.34
N LEU A 274 -3.70 -12.12 -23.51
CA LEU A 274 -3.44 -10.69 -23.41
C LEU A 274 -1.97 -10.36 -23.67
N ALA A 275 -1.14 -11.40 -23.77
CA ALA A 275 0.32 -11.24 -23.94
C ALA A 275 0.74 -10.21 -25.01
N ASN A 276 0.18 -10.31 -26.21
CA ASN A 276 0.56 -9.43 -27.31
C ASN A 276 0.17 -7.99 -27.04
N LYS A 277 -0.21 -7.70 -25.80
CA LYS A 277 -0.69 -6.37 -25.45
C LYS A 277 -0.12 -5.89 -24.10
N MET A 278 0.90 -6.59 -23.58
CA MET A 278 1.69 -5.99 -22.52
C MET A 278 3.18 -6.35 -22.47
N GLY A 279 3.85 -5.82 -21.46
CA GLY A 279 5.29 -5.82 -21.42
C GLY A 279 5.78 -4.41 -21.65
N SER A 280 7.02 -4.14 -21.26
CA SER A 280 7.53 -2.79 -21.35
C SER A 280 7.58 -2.38 -22.81
N GLU A 281 7.94 -3.32 -23.67
CA GLU A 281 7.99 -3.02 -25.09
C GLU A 281 6.66 -2.54 -25.68
N HIS A 282 5.54 -3.14 -25.26
CA HIS A 282 4.27 -2.69 -25.80
C HIS A 282 3.97 -1.29 -25.33
N LEU A 283 4.38 -1.04 -24.08
CA LEU A 283 4.11 0.23 -23.43
C LEU A 283 4.81 1.40 -24.13
N ALA A 284 6.07 1.16 -24.49
CA ALA A 284 6.86 2.14 -25.23
C ALA A 284 6.28 2.37 -26.63
N LYS A 285 5.83 1.30 -27.28
CA LYS A 285 5.09 1.44 -28.53
C LYS A 285 3.93 2.37 -28.28
N MET A 286 3.15 2.04 -27.25
CA MET A 286 1.96 2.80 -26.94
C MET A 286 2.35 4.24 -26.71
N LEU A 287 3.39 4.45 -25.91
CA LEU A 287 3.93 5.81 -25.72
C LEU A 287 4.38 6.43 -27.05
N SER A 288 5.08 5.63 -27.86
CA SER A 288 5.43 6.04 -29.23
C SER A 288 4.19 6.49 -30.03
N LYS A 289 3.18 5.63 -30.11
CA LYS A 289 1.99 5.95 -30.89
C LYS A 289 1.30 7.23 -30.37
N HIS A 290 1.49 7.53 -29.10
CA HIS A 290 0.79 8.66 -28.51
C HIS A 290 1.46 9.96 -28.91
N LEU A 291 2.77 10.01 -28.78
CA LEU A 291 3.42 11.25 -29.16
C LEU A 291 3.58 11.41 -30.67
N GLU A 292 3.59 10.32 -31.43
CA GLU A 292 3.37 10.41 -32.87
C GLU A 292 2.16 11.34 -33.16
N ARG A 293 1.05 11.13 -32.44
CA ARG A 293 -0.13 11.97 -32.67
C ARG A 293 0.10 13.43 -32.32
N VAL A 294 0.96 13.69 -31.35
CA VAL A 294 1.20 15.07 -30.95
C VAL A 294 1.80 15.94 -32.05
N ILE A 295 2.78 15.40 -32.80
CA ILE A 295 3.37 16.21 -33.88
C ILE A 295 2.53 16.20 -35.16
N LYS A 296 1.90 15.07 -35.47
CA LYS A 296 0.98 15.00 -36.61
C LYS A 296 -0.11 16.04 -36.43
N SER A 297 -0.58 16.25 -35.21
CA SER A 297 -1.62 17.25 -34.96
C SER A 297 -1.16 18.58 -35.45
N ARG A 298 0.16 18.76 -35.49
CA ARG A 298 0.78 20.00 -35.96
C ARG A 298 0.81 20.10 -37.47
N ILE A 299 0.84 18.95 -38.16
CA ILE A 299 1.06 18.99 -39.59
C ILE A 299 0.00 19.78 -40.36
N PRO A 300 -1.16 20.01 -39.75
CA PRO A 300 -1.92 21.08 -40.39
C PRO A 300 -1.20 22.44 -40.34
N GLY A 301 0.09 22.38 -40.68
CA GLY A 301 0.84 23.53 -41.14
C GLY A 301 1.15 23.31 -42.62
N ILE A 302 0.47 22.32 -43.23
CA ILE A 302 0.53 22.10 -44.68
C ILE A 302 -0.23 23.24 -45.35
N GLN A 303 -0.80 24.10 -44.51
CA GLN A 303 -1.55 25.25 -44.97
C GLN A 303 -0.60 26.43 -45.17
N SER A 304 0.46 26.45 -44.38
CA SER A 304 1.53 27.44 -44.52
C SER A 304 2.52 27.01 -45.58
N LEU A 305 2.42 25.74 -45.99
CA LEU A 305 3.10 25.31 -47.20
C LEU A 305 2.34 25.97 -48.33
N ILE A 306 1.03 25.78 -48.34
CA ILE A 306 0.14 26.38 -49.34
C ILE A 306 0.06 27.92 -49.27
N ASN A 307 0.33 28.49 -48.09
CA ASN A 307 0.47 29.94 -47.96
C ASN A 307 1.25 30.54 -49.12
N LYS A 308 2.55 30.21 -49.19
CA LYS A 308 3.37 30.61 -50.33
C LYS A 308 2.91 29.91 -51.62
N THR A 309 3.79 29.10 -52.22
CA THR A 309 3.43 28.38 -53.43
C THR A 309 2.68 29.25 -54.45
N VAL A 310 1.37 29.36 -54.25
CA VAL A 310 0.52 30.14 -55.17
C VAL A 310 0.84 31.64 -55.14
N LEU A 311 0.79 32.24 -53.95
CA LEU A 311 1.03 33.66 -53.82
C LEU A 311 2.54 33.98 -53.99
N GLU A 312 3.14 33.26 -54.93
CA GLU A 312 4.50 33.46 -55.37
C GLU A 312 4.41 33.56 -56.87
N LEU A 313 3.42 32.86 -57.42
CA LEU A 313 3.28 32.61 -58.85
C LEU A 313 3.60 33.77 -59.81
N GLU A 314 3.59 35.01 -59.32
CA GLU A 314 4.03 36.15 -60.14
C GLU A 314 4.66 37.26 -59.28
N THR A 315 5.53 36.85 -58.35
CA THR A 315 6.08 37.75 -57.33
C THR A 315 7.36 38.48 -57.75
N GLU A 316 7.35 39.10 -58.94
CA GLU A 316 8.49 39.86 -59.44
C GLU A 316 8.05 41.10 -60.23
N MET A 337 12.42 34.82 -64.44
CA MET A 337 11.32 34.26 -63.68
C MET A 337 11.55 34.41 -62.18
N GLU A 338 10.54 34.03 -61.40
CA GLU A 338 10.67 33.98 -59.94
C GLU A 338 11.54 32.79 -59.52
N ARG A 339 10.95 31.89 -58.73
CA ARG A 339 11.63 30.64 -58.42
C ARG A 339 10.70 29.45 -58.67
N ARG A 340 11.01 28.67 -59.70
CA ARG A 340 10.43 27.36 -59.87
C ARG A 340 11.18 26.47 -58.89
N SER A 341 12.22 27.07 -58.31
CA SER A 341 13.10 26.46 -57.33
C SER A 341 12.50 26.48 -55.92
N ALA A 342 12.01 27.65 -55.50
CA ALA A 342 11.23 27.73 -54.27
C ALA A 342 10.10 26.72 -54.41
N ILE A 343 9.34 26.83 -55.48
CA ILE A 343 8.31 25.85 -55.79
C ILE A 343 8.93 24.54 -56.28
N SER A 344 10.12 24.22 -55.77
CA SER A 344 10.68 22.88 -55.92
C SER A 344 10.86 22.31 -54.52
N LYS A 345 11.36 23.14 -53.61
CA LYS A 345 11.40 22.80 -52.19
C LYS A 345 10.00 22.38 -51.79
N ARG A 346 9.06 23.31 -51.98
CA ARG A 346 7.64 23.10 -51.71
C ARG A 346 7.14 21.76 -52.25
N LEU A 347 7.48 21.42 -53.49
CA LEU A 347 7.13 20.11 -54.01
C LEU A 347 7.71 19.06 -53.05
N GLU A 348 8.97 19.24 -52.65
CA GLU A 348 9.70 18.27 -51.85
C GLU A 348 9.33 18.26 -50.38
N LEU A 349 8.83 19.39 -49.92
CA LEU A 349 8.21 19.48 -48.61
C LEU A 349 6.94 18.61 -48.54
N TYR A 350 6.01 18.81 -49.48
CA TYR A 350 4.82 17.98 -49.57
C TYR A 350 5.21 16.54 -49.78
N ARG A 351 6.29 16.35 -50.54
CA ARG A 351 6.81 15.02 -50.75
C ARG A 351 6.86 14.37 -49.38
N ALA A 352 7.63 14.96 -48.46
CA ALA A 352 7.70 14.46 -47.09
C ALA A 352 6.39 14.63 -46.28
N ALA A 353 5.96 15.87 -46.05
CA ALA A 353 4.70 16.12 -45.35
C ALA A 353 3.52 15.52 -46.09
N GLN A 354 3.73 14.35 -46.68
CA GLN A 354 2.67 13.56 -47.32
C GLN A 354 3.14 12.13 -47.54
N SER A 355 4.38 11.87 -47.14
CA SER A 355 4.91 10.53 -47.17
C SER A 355 5.11 10.05 -45.73
N GLU A 356 4.18 10.46 -44.88
CA GLU A 356 4.14 10.04 -43.49
C GLU A 356 2.69 9.86 -43.06
N ILE A 357 1.90 9.26 -43.96
CA ILE A 357 0.45 9.26 -43.80
C ILE A 357 -0.08 8.46 -42.58
N ASP A 358 0.05 7.13 -42.62
CA ASP A 358 -0.58 6.24 -41.63
C ASP A 358 0.40 5.68 -40.58
N ALA A 359 1.21 6.55 -39.97
CA ALA A 359 2.14 6.12 -38.93
C ALA A 359 1.41 5.80 -37.62
N VAL A 360 0.16 6.24 -37.53
CA VAL A 360 -0.61 6.11 -36.30
C VAL A 360 -2.01 5.56 -36.56
N MET B 1 -5.49 -17.23 24.41
CA MET B 1 -5.33 -16.00 25.19
C MET B 1 -6.02 -16.09 26.54
N GLU B 2 -7.34 -16.24 26.51
CA GLU B 2 -8.18 -16.27 27.71
C GLU B 2 -7.42 -16.84 28.92
N ASN B 3 -7.57 -18.14 29.17
CA ASN B 3 -6.84 -18.83 30.22
C ASN B 3 -6.37 -17.98 31.42
N LEU B 4 -5.18 -17.38 31.30
CA LEU B 4 -4.54 -16.68 32.41
C LEU B 4 -5.03 -15.25 32.64
N ILE B 5 -6.15 -14.92 32.03
CA ILE B 5 -6.73 -13.60 32.22
C ILE B 5 -8.14 -13.83 32.72
N SER B 6 -8.63 -15.06 32.51
CA SER B 6 -9.85 -15.49 33.15
C SER B 6 -9.50 -16.07 34.52
N LEU B 7 -8.37 -16.78 34.58
CA LEU B 7 -7.88 -17.37 35.83
C LEU B 7 -7.08 -16.33 36.61
N VAL B 8 -7.46 -15.06 36.44
CA VAL B 8 -6.93 -13.97 37.25
C VAL B 8 -7.97 -12.85 37.34
N ASN B 9 -8.77 -12.73 36.30
CA ASN B 9 -9.99 -11.92 36.36
C ASN B 9 -11.00 -12.60 37.28
N LYS B 10 -11.11 -13.92 37.17
CA LYS B 10 -11.93 -14.70 38.08
C LYS B 10 -11.29 -14.83 39.47
N ILE B 11 -9.98 -15.02 39.53
CA ILE B 11 -9.32 -15.04 40.83
C ILE B 11 -9.48 -13.67 41.50
N GLN B 12 -10.19 -12.77 40.83
CA GLN B 12 -10.71 -11.57 41.47
C GLN B 12 -12.22 -11.55 41.32
N ARG B 13 -12.83 -10.37 41.44
CA ARG B 13 -14.28 -10.30 41.51
C ARG B 13 -14.72 -11.19 42.67
N ALA B 14 -14.23 -12.44 42.66
CA ALA B 14 -14.34 -13.32 43.82
C ALA B 14 -13.29 -12.85 44.80
N CYS B 15 -13.32 -11.55 45.07
CA CYS B 15 -12.34 -10.84 45.87
C CYS B 15 -12.91 -9.45 46.16
N THR B 16 -12.53 -8.49 45.32
CA THR B 16 -13.10 -7.16 45.38
C THR B 16 -14.57 -7.28 45.81
N ALA B 17 -15.37 -7.87 44.93
CA ALA B 17 -16.79 -8.00 45.20
C ALA B 17 -17.01 -8.87 46.40
N LEU B 18 -17.01 -10.17 46.17
CA LEU B 18 -17.46 -11.10 47.20
C LEU B 18 -16.60 -11.01 48.47
N GLY B 19 -16.15 -9.79 48.77
CA GLY B 19 -15.38 -9.53 49.96
C GLY B 19 -15.52 -8.06 50.33
N ASP B 20 -14.76 -7.23 49.63
CA ASP B 20 -14.71 -5.80 49.92
C ASP B 20 -16.10 -5.15 49.90
N HIS B 21 -17.05 -5.73 50.61
CA HIS B 21 -18.33 -5.06 50.77
C HIS B 21 -18.18 -3.84 51.68
N GLY B 22 -17.03 -3.18 51.58
CA GLY B 22 -16.90 -1.82 52.07
C GLY B 22 -17.80 -1.03 51.15
N ASP B 23 -19.02 -0.76 51.61
CA ASP B 23 -20.02 -0.09 50.78
C ASP B 23 -19.56 1.32 50.43
N SER B 24 -20.25 1.95 49.47
CA SER B 24 -19.83 3.25 48.96
C SER B 24 -18.43 3.19 48.35
N SER B 25 -18.27 2.39 47.31
CA SER B 25 -17.01 2.35 46.57
C SER B 25 -17.16 3.09 45.23
N ALA B 26 -16.41 2.65 44.21
CA ALA B 26 -16.47 3.28 42.91
C ALA B 26 -15.47 2.65 41.93
N LEU B 27 -15.95 1.75 41.07
CA LEU B 27 -17.34 1.30 41.09
C LEU B 27 -17.43 -0.16 40.66
N THR B 29 -14.36 -2.44 38.09
CA THR B 29 -14.98 -3.65 37.58
C THR B 29 -15.46 -3.37 36.16
N LEU B 30 -15.35 -2.10 35.79
CA LEU B 30 -15.79 -1.58 34.49
C LEU B 30 -14.62 -1.07 33.64
N TRP B 31 -14.80 0.14 33.10
CA TRP B 31 -13.88 0.74 32.13
C TRP B 31 -12.81 -0.22 31.61
N ASP B 32 -11.60 -0.15 32.15
CA ASP B 32 -10.55 -1.04 31.67
C ASP B 32 -10.90 -2.54 31.85
N SER B 33 -12.13 -2.81 32.28
CA SER B 33 -12.71 -4.14 32.08
C SER B 33 -13.66 -4.05 30.88
N LEU B 34 -13.20 -3.24 29.91
CA LEU B 34 -13.74 -3.17 28.55
C LEU B 34 -12.64 -3.28 27.50
N PRO B 35 -11.49 -2.60 27.74
CA PRO B 35 -10.60 -2.13 26.67
C PRO B 35 -10.93 -2.81 25.37
N ALA B 36 -11.54 -2.07 24.45
CA ALA B 36 -11.89 -2.60 23.14
C ALA B 36 -10.62 -2.84 22.33
N ILE B 37 -10.73 -3.72 21.33
CA ILE B 37 -9.62 -4.05 20.43
C ILE B 37 -10.01 -3.93 18.96
N ALA B 38 -9.40 -2.97 18.29
CA ALA B 38 -9.78 -2.66 16.91
C ALA B 38 -8.68 -2.98 15.89
N VAL B 39 -9.04 -3.47 14.71
CA VAL B 39 -8.04 -3.63 13.67
C VAL B 39 -8.13 -2.47 12.69
N VAL B 40 -6.98 -1.86 12.44
CA VAL B 40 -6.90 -0.79 11.47
C VAL B 40 -5.77 -1.06 10.47
N GLY B 41 -5.87 -0.42 9.30
CA GLY B 41 -4.95 -0.64 8.20
C GLY B 41 -5.60 -0.42 6.85
N GLY B 42 -4.83 -0.55 5.78
CA GLY B 42 -5.33 -0.25 4.46
C GLY B 42 -6.16 -1.40 3.97
N GLN B 43 -6.95 -1.16 2.92
CA GLN B 43 -7.78 -2.21 2.36
C GLN B 43 -7.02 -3.50 2.11
N SER B 44 -7.48 -4.60 2.68
CA SER B 44 -7.03 -5.91 2.31
C SER B 44 -5.64 -6.22 2.83
N SER B 45 -5.18 -5.45 3.82
CA SER B 45 -3.94 -5.75 4.48
C SER B 45 -4.15 -6.94 5.46
N GLY B 46 -5.41 -7.34 5.63
CA GLY B 46 -5.73 -8.62 6.28
C GLY B 46 -6.26 -8.47 7.70
N LYS B 47 -7.03 -7.41 7.92
CA LYS B 47 -7.57 -7.08 9.23
C LYS B 47 -8.49 -8.18 9.77
N SER B 48 -9.59 -8.43 9.06
CA SER B 48 -10.50 -9.51 9.46
C SER B 48 -9.81 -10.83 9.81
N SER B 49 -8.88 -11.27 8.95
CA SER B 49 -8.20 -12.54 9.20
C SER B 49 -7.53 -12.50 10.58
N VAL B 50 -6.84 -11.41 10.88
CA VAL B 50 -6.15 -11.30 12.17
C VAL B 50 -7.15 -11.37 13.32
N LEU B 51 -8.25 -10.62 13.19
CA LEU B 51 -9.30 -10.57 14.22
C LEU B 51 -9.91 -11.93 14.57
N GLU B 52 -10.22 -12.73 13.58
CA GLU B 52 -10.84 -13.99 13.93
C GLU B 52 -9.79 -14.93 14.49
N SER B 53 -8.54 -14.76 14.06
CA SER B 53 -7.45 -15.59 14.56
C SER B 53 -7.32 -15.39 16.07
N ILE B 54 -7.56 -14.16 16.48
CA ILE B 54 -7.58 -13.71 17.86
C ILE B 54 -8.75 -14.29 18.66
N VAL B 55 -9.92 -14.32 18.03
CA VAL B 55 -11.14 -14.83 18.67
C VAL B 55 -11.04 -16.35 18.77
N GLY B 56 -10.58 -16.99 17.71
CA GLY B 56 -10.40 -18.43 17.70
C GLY B 56 -11.41 -19.21 16.89
N LYS B 57 -12.35 -18.53 16.23
CA LYS B 57 -13.27 -19.23 15.35
C LYS B 57 -13.43 -18.51 14.01
N ASP B 58 -13.58 -19.26 12.91
CA ASP B 58 -13.86 -18.63 11.62
C ASP B 58 -15.29 -18.10 11.60
N PHE B 59 -15.46 -16.78 11.49
CA PHE B 59 -16.81 -16.22 11.47
C PHE B 59 -16.92 -14.88 10.76
N LEU B 60 -15.79 -14.37 10.29
CA LEU B 60 -15.73 -13.11 9.55
C LEU B 60 -15.38 -13.37 8.09
N PRO B 61 -16.15 -12.78 7.17
CA PRO B 61 -15.82 -12.93 5.75
C PRO B 61 -14.54 -12.19 5.35
N ARG B 62 -13.83 -12.73 4.37
CA ARG B 62 -12.64 -12.10 3.85
C ARG B 62 -12.47 -12.38 2.35
N GLY B 63 -11.51 -11.67 1.75
CA GLY B 63 -11.34 -11.43 0.31
C GLY B 63 -10.44 -10.23 0.49
N SER B 64 -9.62 -9.73 -0.44
CA SER B 64 -9.75 -9.60 -1.87
C SER B 64 -10.97 -8.75 -2.29
N GLY B 65 -10.71 -7.47 -2.55
CA GLY B 65 -11.73 -6.47 -2.85
C GLY B 65 -12.30 -5.96 -1.54
N ILE B 66 -13.08 -4.87 -1.53
CA ILE B 66 -13.83 -4.52 -0.33
C ILE B 66 -14.55 -5.81 0.08
N VAL B 67 -14.24 -6.31 1.27
CA VAL B 67 -15.12 -7.29 1.85
C VAL B 67 -15.79 -6.67 3.09
N THR B 68 -15.02 -6.31 4.10
CA THR B 68 -15.62 -5.66 5.25
C THR B 68 -16.01 -4.26 4.84
N ARG B 69 -17.27 -3.91 5.09
CA ARG B 69 -17.88 -2.67 4.60
C ARG B 69 -18.59 -1.85 5.67
N ARG B 70 -18.65 -2.38 6.90
CA ARG B 70 -19.31 -1.77 8.05
C ARG B 70 -18.52 -2.12 9.30
N PRO B 71 -18.53 -1.23 10.33
CA PRO B 71 -17.90 -1.62 11.59
C PRO B 71 -18.59 -2.88 12.09
N LEU B 72 -17.87 -3.78 12.70
CA LEU B 72 -18.55 -4.95 13.27
C LEU B 72 -18.13 -5.06 14.73
N VAL B 73 -18.97 -4.55 15.62
CA VAL B 73 -18.66 -4.55 17.06
C VAL B 73 -19.08 -5.89 17.70
N LEU B 74 -18.09 -6.59 18.25
CA LEU B 74 -18.30 -7.91 18.85
C LEU B 74 -17.87 -7.89 20.30
N GLN B 75 -18.85 -7.78 21.19
CA GLN B 75 -18.62 -7.96 22.63
C GLN B 75 -18.79 -9.43 22.96
N LEU B 76 -17.69 -10.14 23.20
CA LEU B 76 -17.78 -11.57 23.48
C LEU B 76 -18.08 -11.90 24.96
N GLN B 77 -18.73 -13.05 25.18
CA GLN B 77 -19.32 -13.44 26.48
C GLN B 77 -18.91 -14.82 26.96
N LYS B 78 -18.32 -14.88 28.15
CA LYS B 78 -18.12 -16.15 28.84
C LYS B 78 -19.40 -16.46 29.65
N ILE B 79 -19.83 -17.73 29.60
CA ILE B 79 -21.08 -18.13 30.24
C ILE B 79 -20.85 -18.76 31.60
N ASP B 80 -21.94 -18.97 32.35
CA ASP B 80 -21.89 -19.75 33.59
C ASP B 80 -21.57 -21.21 33.26
N ASP B 81 -20.35 -21.44 32.78
CA ASP B 81 -19.96 -22.72 32.21
C ASP B 81 -21.09 -23.37 31.43
N GLY B 82 -21.97 -22.53 30.88
CA GLY B 82 -23.08 -22.97 30.04
C GLY B 82 -22.53 -23.55 28.74
N THR B 83 -21.78 -24.63 28.90
CA THR B 83 -20.99 -25.26 27.84
C THR B 83 -21.77 -25.55 26.54
N ARG B 84 -22.12 -24.49 25.82
CA ARG B 84 -22.87 -24.60 24.56
C ARG B 84 -22.66 -23.35 23.69
N GLU B 85 -21.84 -23.48 22.66
CA GLU B 85 -21.41 -22.32 21.89
C GLU B 85 -22.50 -21.77 20.99
N TYR B 86 -22.81 -20.48 21.15
CA TYR B 86 -23.80 -19.85 20.29
C TYR B 86 -23.61 -18.32 20.21
N ALA B 87 -24.16 -17.69 19.18
CA ALA B 87 -24.06 -16.24 19.02
C ALA B 87 -25.37 -15.62 18.55
N GLU B 88 -25.45 -14.30 18.62
CA GLU B 88 -26.70 -13.64 18.28
C GLU B 88 -26.47 -12.20 17.84
N PHE B 89 -27.17 -11.82 16.77
CA PHE B 89 -27.09 -10.47 16.23
C PHE B 89 -28.15 -9.57 16.81
N LEU B 90 -27.71 -8.42 17.31
CA LEU B 90 -28.59 -7.44 17.91
C LEU B 90 -29.76 -7.09 17.00
N HIS B 91 -29.48 -7.03 15.70
CA HIS B 91 -30.46 -6.63 14.70
C HIS B 91 -31.55 -7.69 14.45
N LEU B 92 -31.28 -8.94 14.83
CA LEU B 92 -32.35 -9.95 14.82
C LEU B 92 -32.42 -10.80 16.10
N PRO B 93 -33.12 -10.27 17.12
CA PRO B 93 -33.09 -10.77 18.50
C PRO B 93 -33.87 -12.06 18.68
N ARG B 94 -33.58 -12.76 19.77
CA ARG B 94 -34.22 -14.04 20.00
C ARG B 94 -33.85 -14.93 18.82
N LYS B 95 -32.68 -14.66 18.22
CA LYS B 95 -32.11 -15.54 17.21
C LYS B 95 -30.73 -16.02 17.66
N LYS B 96 -30.61 -17.32 17.93
CA LYS B 96 -29.37 -17.90 18.40
C LYS B 96 -28.75 -18.71 17.29
N PHE B 97 -27.51 -18.39 16.96
CA PHE B 97 -26.79 -19.16 15.94
C PHE B 97 -25.85 -20.15 16.58
N THR B 98 -25.81 -21.36 16.02
CA THR B 98 -24.87 -22.38 16.47
C THR B 98 -23.96 -22.78 15.31
N ASP B 99 -24.41 -22.45 14.10
CA ASP B 99 -23.60 -22.63 12.91
C ASP B 99 -22.78 -21.37 12.65
N PHE B 100 -21.48 -21.43 12.92
CA PHE B 100 -20.62 -20.26 12.74
C PHE B 100 -20.40 -19.89 11.27
N ALA B 101 -20.22 -20.91 10.44
CA ALA B 101 -20.17 -20.71 8.99
C ALA B 101 -21.38 -19.92 8.56
N ALA B 102 -22.45 -19.97 9.34
CA ALA B 102 -23.68 -19.30 8.94
C ALA B 102 -23.84 -17.92 9.61
N VAL B 103 -23.17 -17.74 10.74
CA VAL B 103 -23.05 -16.42 11.33
C VAL B 103 -22.35 -15.53 10.32
N ARG B 104 -21.34 -16.10 9.65
CA ARG B 104 -20.52 -15.39 8.65
C ARG B 104 -21.37 -14.91 7.48
N LYS B 105 -22.11 -15.85 6.90
CA LYS B 105 -23.11 -15.53 5.91
C LYS B 105 -24.00 -14.37 6.32
N GLU B 106 -24.33 -14.26 7.60
CA GLU B 106 -25.23 -13.22 8.05
C GLU B 106 -24.59 -11.81 8.11
N ILE B 107 -23.31 -11.77 8.43
CA ILE B 107 -22.53 -10.54 8.33
C ILE B 107 -22.56 -9.89 6.91
N GLN B 108 -22.43 -10.72 5.87
CA GLN B 108 -22.47 -10.25 4.50
C GLN B 108 -23.86 -9.74 4.13
N ASP B 109 -24.86 -10.59 4.35
CA ASP B 109 -26.26 -10.29 4.00
C ASP B 109 -26.69 -8.97 4.61
N GLU B 110 -26.46 -8.85 5.91
CA GLU B 110 -26.83 -7.65 6.64
C GLU B 110 -26.05 -6.44 6.15
N THR B 111 -24.88 -6.70 5.56
CA THR B 111 -24.03 -5.64 5.01
C THR B 111 -24.60 -5.22 3.65
N ASP B 112 -24.79 -6.22 2.80
CA ASP B 112 -25.39 -6.04 1.49
C ASP B 112 -26.71 -5.30 1.59
N ARG B 113 -27.62 -5.84 2.42
CA ARG B 113 -28.97 -5.30 2.55
C ARG B 113 -28.96 -3.79 2.76
N GLU B 114 -27.95 -3.28 3.45
CA GLU B 114 -27.99 -1.91 3.92
C GLU B 114 -26.98 -0.95 3.29
N THR B 115 -26.01 -1.50 2.56
CA THR B 115 -25.03 -0.66 1.89
C THR B 115 -25.55 -0.26 0.53
N GLY B 116 -26.43 -1.08 -0.04
CA GLY B 116 -26.97 -0.84 -1.35
C GLY B 116 -26.08 -1.45 -2.41
N ARG B 117 -25.08 -0.70 -2.84
CA ARG B 117 -24.13 -1.19 -3.84
C ARG B 117 -23.18 -2.20 -3.21
N SER B 118 -22.41 -2.88 -4.05
CA SER B 118 -21.58 -3.98 -3.61
C SER B 118 -20.26 -3.48 -3.07
N LYS B 119 -19.94 -2.22 -3.37
CA LYS B 119 -18.70 -1.62 -2.93
C LYS B 119 -18.97 -0.45 -1.97
N ALA B 120 -20.24 -0.27 -1.63
CA ALA B 120 -20.62 0.79 -0.70
C ALA B 120 -20.38 0.35 0.73
N ILE B 121 -20.10 1.31 1.60
CA ILE B 121 -19.81 1.03 2.98
C ILE B 121 -20.92 1.69 3.80
N SER B 122 -20.88 1.52 5.12
CA SER B 122 -21.82 2.19 6.05
C SER B 122 -21.25 2.24 7.47
N SER B 123 -21.37 3.37 8.16
CA SER B 123 -20.86 3.50 9.52
C SER B 123 -21.85 3.02 10.60
N VAL B 124 -22.90 2.34 10.16
CA VAL B 124 -23.80 1.65 11.08
C VAL B 124 -23.23 0.29 11.44
N PRO B 125 -22.79 0.15 12.70
CA PRO B 125 -22.10 -1.03 13.21
C PRO B 125 -23.03 -2.22 13.16
N ILE B 126 -22.48 -3.40 12.98
CA ILE B 126 -23.29 -4.60 13.02
C ILE B 126 -22.95 -5.27 14.31
N HIS B 127 -23.89 -5.28 15.27
CA HIS B 127 -23.66 -5.76 16.65
C HIS B 127 -23.80 -7.27 16.82
N LEU B 128 -22.72 -7.92 17.21
CA LEU B 128 -22.70 -9.37 17.37
C LEU B 128 -22.26 -9.75 18.77
N SER B 129 -22.79 -10.86 19.29
CA SER B 129 -22.26 -11.39 20.53
C SER B 129 -22.00 -12.87 20.37
N ILE B 130 -20.91 -13.33 20.97
CA ILE B 130 -20.60 -14.75 20.93
C ILE B 130 -20.58 -15.35 22.32
N TYR B 131 -21.38 -16.39 22.50
CA TYR B 131 -21.46 -17.03 23.79
C TYR B 131 -20.73 -18.38 23.77
N SER B 132 -19.78 -18.50 24.70
CA SER B 132 -18.91 -19.66 24.82
C SER B 132 -18.17 -19.51 26.15
N PRO B 133 -18.31 -20.51 27.04
CA PRO B 133 -17.88 -20.38 28.43
C PRO B 133 -16.37 -20.46 28.49
N ASN B 134 -15.74 -20.30 27.33
CA ASN B 134 -14.32 -20.56 27.18
C ASN B 134 -13.46 -19.32 26.88
N VAL B 135 -14.10 -18.17 26.71
CA VAL B 135 -13.40 -16.99 26.29
C VAL B 135 -13.94 -15.77 27.02
N VAL B 136 -13.05 -14.95 27.58
CA VAL B 136 -13.44 -13.88 28.49
C VAL B 136 -14.16 -12.71 27.84
N ASN B 137 -14.47 -11.71 28.67
CA ASN B 137 -15.33 -10.59 28.32
C ASN B 137 -14.62 -9.40 27.66
N LEU B 138 -14.55 -9.41 26.32
CA LEU B 138 -13.90 -8.32 25.59
C LEU B 138 -14.79 -7.76 24.49
N THR B 139 -14.50 -6.53 24.11
CA THR B 139 -15.08 -5.98 22.91
C THR B 139 -14.04 -5.97 21.77
N LEU B 140 -14.46 -6.42 20.59
CA LEU B 140 -13.62 -6.43 19.39
C LEU B 140 -14.34 -5.69 18.27
N ILE B 141 -13.58 -4.98 17.46
CA ILE B 141 -14.16 -4.16 16.41
C ILE B 141 -13.45 -4.37 15.05
N ASP B 142 -14.13 -5.09 14.16
CA ASP B 142 -13.65 -5.24 12.80
C ASP B 142 -13.99 -3.97 12.01
N LEU B 143 -13.10 -3.54 11.10
CA LEU B 143 -13.32 -2.27 10.40
C LEU B 143 -12.91 -2.32 8.91
N PRO B 144 -13.64 -1.60 8.04
CA PRO B 144 -13.25 -1.53 6.62
C PRO B 144 -11.83 -0.97 6.48
N GLY B 145 -11.03 -1.56 5.59
CA GLY B 145 -9.68 -1.05 5.36
C GLY B 145 -9.73 0.29 4.67
N LEU B 146 -8.86 1.18 5.13
CA LEU B 146 -8.61 2.47 4.48
C LEU B 146 -8.14 2.31 3.02
N THR B 147 -8.54 3.26 2.19
CA THR B 147 -8.32 3.21 0.77
C THR B 147 -7.81 4.58 0.35
N LYS B 148 -7.38 4.70 -0.91
CA LYS B 148 -6.86 5.96 -1.43
C LYS B 148 -7.72 6.61 -2.53
N VAL B 149 -8.37 5.79 -3.35
CA VAL B 149 -9.06 6.39 -4.47
C VAL B 149 -10.57 6.34 -4.33
N ALA B 150 -11.14 5.17 -4.56
CA ALA B 150 -12.57 5.04 -4.90
C ALA B 150 -12.66 4.31 -6.22
N VAL B 151 -13.28 3.15 -6.21
CA VAL B 151 -13.41 2.36 -7.41
C VAL B 151 -14.88 2.26 -7.76
N ASP B 152 -15.16 1.72 -8.94
CA ASP B 152 -16.49 1.24 -9.30
C ASP B 152 -17.65 2.07 -8.73
N GLY B 153 -18.65 1.37 -8.19
CA GLY B 153 -19.89 1.98 -7.76
C GLY B 153 -19.77 2.60 -6.39
N GLN B 154 -18.74 3.40 -6.21
CA GLN B 154 -18.51 4.01 -4.92
C GLN B 154 -18.80 5.48 -4.97
N SER B 155 -19.28 6.01 -3.84
CA SER B 155 -19.43 7.44 -3.59
C SER B 155 -18.20 8.22 -4.08
N ASP B 156 -17.63 9.04 -3.22
CA ASP B 156 -16.52 9.90 -3.60
C ASP B 156 -15.77 10.21 -2.31
N SER B 157 -16.48 10.89 -1.40
CA SER B 157 -16.08 11.16 -0.03
C SER B 157 -15.74 9.88 0.73
N ILE B 158 -16.23 8.75 0.23
CA ILE B 158 -15.95 7.46 0.80
C ILE B 158 -14.51 7.33 1.31
N VAL B 159 -13.55 8.01 0.68
CA VAL B 159 -12.19 7.96 1.18
C VAL B 159 -12.20 8.58 2.57
N LYS B 160 -12.84 9.74 2.69
CA LYS B 160 -12.99 10.43 3.98
C LYS B 160 -13.99 9.71 4.91
N ASP B 161 -14.95 9.00 4.33
CA ASP B 161 -15.98 8.32 5.12
C ASP B 161 -15.37 7.14 5.85
N ILE B 162 -14.51 6.39 5.16
CA ILE B 162 -13.76 5.33 5.83
C ILE B 162 -12.79 5.91 6.86
N GLU B 163 -12.05 6.93 6.48
CA GLU B 163 -11.12 7.47 7.44
C GLU B 163 -11.87 7.85 8.70
N ASN B 164 -12.94 8.62 8.53
CA ASN B 164 -13.70 9.13 9.68
C ASN B 164 -14.27 8.03 10.58
N MET B 165 -14.94 7.08 9.97
CA MET B 165 -15.46 5.94 10.67
C MET B 165 -14.40 5.20 11.50
N VAL B 166 -13.24 4.95 10.91
CA VAL B 166 -12.19 4.20 11.57
C VAL B 166 -11.61 5.02 12.69
N ARG B 167 -11.50 6.31 12.41
CA ARG B 167 -10.91 7.25 13.34
C ARG B 167 -11.82 7.39 14.58
N SER B 168 -13.11 7.14 14.42
CA SER B 168 -14.05 7.36 15.51
C SER B 168 -13.94 6.28 16.58
N TYR B 169 -13.74 5.03 16.17
CA TYR B 169 -13.51 3.98 17.15
C TYR B 169 -12.08 4.06 17.65
N ILE B 170 -11.28 4.97 17.10
CA ILE B 170 -9.84 4.91 17.36
C ILE B 170 -9.30 6.05 18.26
N GLU B 171 -9.95 7.20 18.21
CA GLU B 171 -9.56 8.34 19.05
C GLU B 171 -9.67 8.02 20.55
N LYS B 172 -10.73 7.31 20.92
CA LYS B 172 -11.03 7.02 22.31
C LYS B 172 -9.91 6.22 23.00
N PRO B 173 -9.47 6.71 24.16
CA PRO B 173 -8.27 6.17 24.81
C PRO B 173 -8.46 4.75 25.34
N ASN B 174 -9.70 4.30 25.46
CA ASN B 174 -9.95 2.96 26.00
C ASN B 174 -9.92 1.92 24.88
N CYS B 175 -8.92 2.04 24.02
CA CYS B 175 -8.91 1.28 22.78
C CYS B 175 -7.52 0.79 22.43
N ILE B 176 -7.41 -0.52 22.21
CA ILE B 176 -6.16 -1.08 21.70
C ILE B 176 -6.14 -1.16 20.19
N ILE B 177 -5.14 -0.54 19.58
CA ILE B 177 -4.99 -0.59 18.14
C ILE B 177 -4.09 -1.70 17.64
N LEU B 178 -4.64 -2.57 16.80
CA LEU B 178 -3.81 -3.52 16.08
C LEU B 178 -3.56 -2.91 14.72
N ALA B 179 -2.50 -2.13 14.65
CA ALA B 179 -2.08 -1.49 13.41
C ALA B 179 -1.57 -2.58 12.48
N ILE B 180 -2.37 -2.85 11.45
CA ILE B 180 -2.10 -3.97 10.58
C ILE B 180 -1.38 -3.57 9.28
N SER B 181 -0.13 -4.00 9.13
CA SER B 181 0.70 -3.63 7.98
C SER B 181 1.16 -4.83 7.14
N PRO B 182 0.87 -4.81 5.84
CA PRO B 182 1.36 -5.83 4.90
C PRO B 182 2.89 -5.72 4.62
N ALA B 183 3.59 -6.85 4.70
CA ALA B 183 5.06 -6.90 4.55
C ALA B 183 5.52 -6.79 3.09
N ASN B 184 4.59 -6.97 2.16
CA ASN B 184 4.95 -6.96 0.76
C ASN B 184 4.76 -5.56 0.18
N GLN B 185 4.66 -4.58 1.06
CA GLN B 185 4.73 -3.16 0.69
C GLN B 185 5.81 -2.52 1.58
N ASP B 186 6.28 -1.36 1.21
CA ASP B 186 7.22 -0.68 2.07
C ASP B 186 6.55 -0.03 3.28
N LEU B 187 7.09 -0.29 4.45
CA LEU B 187 6.45 0.19 5.68
C LEU B 187 6.20 1.68 5.61
N ALA B 188 7.03 2.42 4.87
CA ALA B 188 6.82 3.86 4.75
C ALA B 188 5.46 4.17 4.16
N THR B 189 4.93 3.28 3.32
CA THR B 189 3.62 3.53 2.72
C THR B 189 2.47 2.96 3.54
N SER B 190 2.66 2.75 4.86
CA SER B 190 1.63 2.05 5.68
C SER B 190 0.49 2.90 6.26
N ASP B 191 -0.74 2.58 5.89
CA ASP B 191 -1.90 3.36 6.35
C ASP B 191 -2.21 3.10 7.83
N ALA B 192 -2.18 1.81 8.21
CA ALA B 192 -2.16 1.37 9.60
C ALA B 192 -1.26 2.26 10.45
N ILE B 193 0.03 2.20 10.17
CA ILE B 193 0.99 2.99 10.91
C ILE B 193 0.67 4.46 10.87
N LYS B 194 0.28 4.94 9.70
CA LYS B 194 -0.06 6.34 9.56
C LYS B 194 -1.15 6.79 10.56
N ILE B 195 -2.32 6.17 10.55
CA ILE B 195 -3.34 6.66 11.48
C ILE B 195 -3.07 6.29 12.92
N SER B 196 -2.49 5.12 13.17
CA SER B 196 -2.16 4.75 14.55
C SER B 196 -1.29 5.84 15.21
N ARG B 197 -0.15 6.15 14.60
CA ARG B 197 0.68 7.23 15.15
C ARG B 197 -0.05 8.58 15.28
N GLU B 198 -1.14 8.77 14.55
CA GLU B 198 -1.91 10.00 14.68
C GLU B 198 -2.65 9.97 16.00
N VAL B 199 -3.64 9.09 16.09
CA VAL B 199 -4.50 9.06 17.25
C VAL B 199 -3.78 8.57 18.49
N ASP B 200 -2.58 8.02 18.31
CA ASP B 200 -1.82 7.45 19.44
C ASP B 200 -0.31 7.74 19.40
N PRO B 201 0.07 9.03 19.33
CA PRO B 201 1.48 9.36 19.08
C PRO B 201 2.48 8.58 19.92
N SER B 202 2.27 8.51 21.24
CA SER B 202 3.22 7.83 22.13
C SER B 202 3.38 6.37 21.73
N GLY B 203 2.46 5.87 20.92
CA GLY B 203 2.42 4.47 20.55
C GLY B 203 2.09 3.53 21.70
N ASP B 204 1.53 4.10 22.77
CA ASP B 204 1.22 3.37 24.02
C ASP B 204 0.17 2.25 23.91
N ARG B 205 -0.94 2.50 23.23
CA ARG B 205 -1.96 1.48 23.02
C ARG B 205 -1.98 0.85 21.60
N THR B 206 -0.83 0.74 20.97
CA THR B 206 -0.76 0.26 19.59
C THR B 206 0.13 -0.98 19.44
N PHE B 207 -0.41 -2.00 18.79
CA PHE B 207 0.40 -3.16 18.40
C PHE B 207 0.56 -3.23 16.90
N GLY B 208 1.81 -3.38 16.47
CA GLY B 208 2.12 -3.55 15.06
C GLY B 208 1.98 -5.00 14.67
N VAL B 209 1.09 -5.26 13.72
CA VAL B 209 0.94 -6.59 13.19
C VAL B 209 1.43 -6.53 11.73
N LEU B 210 2.40 -7.38 11.39
CA LEU B 210 2.97 -7.39 10.05
C LEU B 210 2.49 -8.65 9.35
N THR B 211 1.53 -8.50 8.44
CA THR B 211 0.91 -9.63 7.74
C THR B 211 1.59 -9.95 6.40
N LYS B 212 1.21 -11.06 5.78
CA LYS B 212 1.60 -11.37 4.39
C LYS B 212 3.09 -11.59 4.26
N ILE B 213 3.72 -12.06 5.32
CA ILE B 213 5.15 -12.25 5.23
C ILE B 213 5.50 -13.30 4.16
N ASP B 214 4.57 -14.19 3.87
CA ASP B 214 4.79 -15.20 2.85
C ASP B 214 4.74 -14.61 1.44
N LEU B 215 4.28 -13.37 1.30
CA LEU B 215 4.19 -12.76 -0.04
C LEU B 215 5.40 -11.85 -0.39
N MET B 216 6.42 -11.86 0.45
CA MET B 216 7.52 -10.94 0.20
C MET B 216 8.27 -11.31 -1.09
N ASP B 217 8.54 -10.28 -1.90
CA ASP B 217 9.34 -10.47 -3.10
C ASP B 217 10.63 -11.17 -2.69
N LYS B 218 11.01 -12.16 -3.48
CA LYS B 218 12.33 -12.79 -3.30
C LYS B 218 13.43 -11.72 -3.25
N GLY B 219 14.39 -11.91 -2.34
CA GLY B 219 15.53 -11.01 -2.22
C GLY B 219 15.24 -9.92 -1.20
N THR B 220 14.03 -9.97 -0.63
CA THR B 220 13.74 -9.20 0.58
C THR B 220 13.23 -10.11 1.66
N ASP B 221 13.44 -9.72 2.92
CA ASP B 221 12.72 -10.38 4.00
C ASP B 221 12.36 -9.38 5.09
N ALA B 222 11.58 -9.80 6.08
CA ALA B 222 11.14 -8.89 7.15
C ALA B 222 11.94 -8.91 8.46
N VAL B 223 13.05 -9.63 8.51
CA VAL B 223 13.80 -9.73 9.77
C VAL B 223 14.11 -8.38 10.42
N GLU B 224 14.55 -7.39 9.64
CA GLU B 224 14.87 -6.06 10.17
C GLU B 224 13.66 -5.41 10.87
N ILE B 225 12.47 -5.57 10.30
CA ILE B 225 11.32 -4.93 10.88
C ILE B 225 10.98 -5.63 12.17
N LEU B 226 11.14 -6.95 12.17
CA LEU B 226 10.67 -7.76 13.27
C LEU B 226 11.56 -7.66 14.48
N GLU B 227 12.88 -7.66 14.27
CA GLU B 227 13.83 -7.48 15.35
C GLU B 227 13.80 -6.07 15.89
N GLY B 228 12.89 -5.26 15.35
CA GLY B 228 12.63 -3.93 15.84
C GLY B 228 13.60 -2.88 15.36
N ARG B 229 14.32 -3.18 14.27
CA ARG B 229 15.37 -2.27 13.79
C ARG B 229 14.89 -1.23 12.77
N SER B 230 13.82 -1.52 12.02
CA SER B 230 13.43 -0.62 10.92
C SER B 230 12.39 0.42 11.28
N PHE B 231 11.46 0.04 12.15
CA PHE B 231 10.50 0.97 12.71
C PHE B 231 10.24 0.53 14.14
N LYS B 232 10.83 1.27 15.06
CA LYS B 232 10.71 0.97 16.46
C LYS B 232 9.29 1.26 16.94
N LEU B 233 8.70 0.26 17.61
CA LEU B 233 7.41 0.41 18.24
C LEU B 233 7.57 0.23 19.76
N LYS B 234 6.53 0.57 20.54
CA LYS B 234 6.60 0.40 21.99
C LYS B 234 6.54 -1.06 22.44
N TYR B 235 6.10 -1.95 21.54
CA TYR B 235 6.05 -3.38 21.81
C TYR B 235 6.51 -4.10 20.58
N PRO B 236 7.31 -5.16 20.75
CA PRO B 236 7.83 -5.89 19.58
C PRO B 236 6.75 -6.15 18.50
N TRP B 237 7.11 -5.89 17.24
CA TRP B 237 6.30 -6.26 16.09
C TRP B 237 5.92 -7.72 16.19
N VAL B 238 4.73 -8.09 15.71
CA VAL B 238 4.37 -9.50 15.60
C VAL B 238 3.98 -9.88 14.16
N GLY B 239 4.72 -10.82 13.57
CA GLY B 239 4.41 -11.27 12.23
C GLY B 239 3.36 -12.36 12.16
N VAL B 240 2.48 -12.30 11.16
CA VAL B 240 1.54 -13.39 10.94
C VAL B 240 1.50 -13.84 9.49
N VAL B 241 1.09 -15.09 9.26
CA VAL B 241 0.76 -15.57 7.92
C VAL B 241 -0.68 -16.12 7.88
N ASN B 242 -1.61 -15.29 7.42
CA ASN B 242 -2.99 -15.72 7.31
C ASN B 242 -3.22 -16.57 6.07
N ARG B 243 -4.47 -17.01 5.90
CA ARG B 243 -4.82 -17.79 4.72
C ARG B 243 -4.80 -16.89 3.48
N SER B 244 -4.28 -17.44 2.39
CA SER B 244 -4.28 -16.79 1.09
C SER B 244 -5.67 -16.88 0.47
N GLN B 245 -5.91 -16.14 -0.60
CA GLN B 245 -7.18 -16.15 -1.28
C GLN B 245 -7.55 -17.51 -1.89
N ALA B 246 -6.55 -18.33 -2.21
CA ALA B 246 -6.78 -19.69 -2.71
C ALA B 246 -7.25 -20.64 -1.61
N ASP B 247 -6.65 -20.49 -0.43
CA ASP B 247 -7.08 -21.18 0.78
C ASP B 247 -8.55 -20.88 0.98
N ILE B 248 -8.87 -19.62 1.20
CA ILE B 248 -10.26 -19.17 1.25
C ILE B 248 -11.13 -19.91 0.21
N ASN B 249 -10.78 -19.81 -1.07
CA ASN B 249 -11.59 -20.42 -2.13
C ASN B 249 -11.80 -21.93 -1.99
N LYS B 250 -10.84 -22.61 -1.38
CA LYS B 250 -11.02 -24.03 -1.13
C LYS B 250 -11.46 -24.28 0.33
N ASN B 251 -11.78 -23.20 1.02
CA ASN B 251 -12.28 -23.30 2.39
C ASN B 251 -11.33 -23.99 3.39
N VAL B 252 -10.04 -23.63 3.38
CA VAL B 252 -9.13 -24.15 4.43
C VAL B 252 -9.49 -23.56 5.81
N ASP B 253 -9.51 -24.43 6.83
CA ASP B 253 -10.07 -24.10 8.14
C ASP B 253 -9.01 -23.61 9.14
N MET B 254 -9.42 -23.13 10.32
CA MET B 254 -8.49 -22.42 11.19
C MET B 254 -7.36 -23.28 11.76
N ILE B 255 -7.65 -24.56 11.97
CA ILE B 255 -6.63 -25.50 12.41
C ILE B 255 -5.51 -25.68 11.37
N ALA B 256 -5.89 -25.84 10.10
CA ALA B 256 -4.92 -26.04 9.02
C ALA B 256 -4.12 -24.77 8.69
N ALA B 257 -4.74 -23.62 8.92
CA ALA B 257 -4.10 -22.32 8.78
C ALA B 257 -3.19 -22.03 9.96
N ARG B 258 -3.52 -22.59 11.13
CA ARG B 258 -2.68 -22.41 12.31
C ARG B 258 -1.50 -23.34 12.20
N LYS B 259 -1.72 -24.46 11.53
CA LYS B 259 -0.66 -25.41 11.31
C LYS B 259 0.29 -24.82 10.29
N ARG B 260 -0.26 -24.35 9.17
CA ARG B 260 0.48 -23.65 8.12
C ARG B 260 1.42 -22.58 8.67
N GLU B 261 0.85 -21.62 9.38
CA GLU B 261 1.61 -20.52 9.94
C GLU B 261 2.79 -21.00 10.81
N ARG B 262 2.53 -21.98 11.67
CA ARG B 262 3.54 -22.41 12.64
C ARG B 262 4.63 -23.18 11.92
N GLU B 263 4.32 -23.63 10.72
CA GLU B 263 5.28 -24.30 9.85
C GLU B 263 6.08 -23.28 9.06
N TYR B 264 5.44 -22.17 8.69
CA TYR B 264 6.13 -21.14 7.95
C TYR B 264 7.28 -20.58 8.79
N PHE B 265 6.94 -20.00 9.93
CA PHE B 265 7.96 -19.31 10.67
C PHE B 265 9.13 -20.21 11.10
N SER B 266 8.83 -21.42 11.57
CA SER B 266 9.87 -22.27 12.14
C SER B 266 10.59 -23.07 11.06
N ASN B 267 10.17 -22.90 9.81
CA ASN B 267 10.79 -23.62 8.69
C ASN B 267 11.54 -22.74 7.71
N THR B 268 11.28 -21.43 7.70
CA THR B 268 12.01 -20.57 6.78
C THR B 268 13.19 -19.92 7.49
N THR B 269 14.38 -20.03 6.92
CA THR B 269 15.57 -19.89 7.75
C THR B 269 15.85 -18.49 8.29
N GLU B 270 15.38 -17.46 7.58
CA GLU B 270 15.50 -16.10 8.10
C GLU B 270 14.64 -15.85 9.35
N TYR B 271 13.59 -16.63 9.54
CA TYR B 271 12.65 -16.35 10.63
C TYR B 271 12.75 -17.34 11.79
N ARG B 272 13.35 -18.49 11.52
CA ARG B 272 13.56 -19.54 12.50
C ARG B 272 13.93 -19.01 13.89
N HIS B 273 14.90 -18.10 13.96
CA HIS B 273 15.27 -17.54 15.26
C HIS B 273 14.16 -16.71 15.93
N LEU B 274 13.14 -16.35 15.16
CA LEU B 274 12.05 -15.52 15.65
C LEU B 274 10.75 -16.30 15.83
N ALA B 275 10.70 -17.47 15.19
CA ALA B 275 9.52 -18.33 15.15
C ALA B 275 8.53 -18.17 16.31
N ASN B 276 8.93 -18.59 17.51
CA ASN B 276 7.95 -18.70 18.58
C ASN B 276 7.63 -17.36 19.25
N LYS B 277 8.07 -16.28 18.62
CA LYS B 277 7.52 -14.96 18.90
C LYS B 277 6.76 -14.42 17.65
N MET B 278 6.48 -15.31 16.71
CA MET B 278 5.63 -14.97 15.60
C MET B 278 4.32 -15.74 15.69
N GLY B 279 3.32 -15.34 14.92
CA GLY B 279 2.13 -16.15 14.82
C GLY B 279 1.01 -15.52 15.60
N SER B 280 -0.20 -15.69 15.09
CA SER B 280 -1.35 -15.08 15.71
C SER B 280 -1.59 -15.62 17.14
N GLU B 281 -1.27 -16.89 17.38
CA GLU B 281 -1.42 -17.42 18.74
C GLU B 281 -0.48 -16.67 19.68
N HIS B 282 0.74 -16.39 19.25
CA HIS B 282 1.59 -15.51 20.04
C HIS B 282 0.99 -14.10 20.16
N LEU B 283 0.36 -13.62 19.09
CA LEU B 283 -0.18 -12.27 19.13
C LEU B 283 -1.22 -12.20 20.23
N ALA B 284 -2.12 -13.18 20.21
CA ALA B 284 -3.17 -13.28 21.20
C ALA B 284 -2.57 -13.35 22.61
N LYS B 285 -1.50 -14.12 22.79
CA LYS B 285 -0.85 -14.14 24.10
C LYS B 285 -0.32 -12.76 24.53
N MET B 286 0.28 -12.04 23.59
CA MET B 286 0.89 -10.76 23.92
C MET B 286 -0.21 -9.82 24.34
N LEU B 287 -1.35 -9.99 23.69
CA LEU B 287 -2.53 -9.20 23.93
C LEU B 287 -3.15 -9.47 25.29
N SER B 288 -3.23 -10.74 25.66
CA SER B 288 -3.89 -11.07 26.92
C SER B 288 -3.04 -10.54 28.06
N LYS B 289 -1.73 -10.79 27.97
CA LYS B 289 -0.78 -10.33 28.96
C LYS B 289 -0.86 -8.83 29.18
N HIS B 290 -1.06 -8.09 28.10
CA HIS B 290 -1.10 -6.63 28.17
C HIS B 290 -2.40 -6.20 28.82
N LEU B 291 -3.43 -7.02 28.67
CA LEU B 291 -4.65 -6.84 29.46
C LEU B 291 -4.42 -7.23 30.93
N GLU B 292 -3.72 -8.34 31.16
CA GLU B 292 -3.38 -8.71 32.51
C GLU B 292 -2.77 -7.51 33.24
N ARG B 293 -1.82 -6.84 32.60
CA ARG B 293 -1.16 -5.69 33.23
C ARG B 293 -2.14 -4.61 33.62
N VAL B 294 -3.18 -4.47 32.79
CA VAL B 294 -4.20 -3.44 32.99
C VAL B 294 -4.96 -3.68 34.28
N ILE B 295 -5.42 -4.91 34.47
CA ILE B 295 -6.21 -5.29 35.64
C ILE B 295 -5.33 -5.30 36.88
N LYS B 296 -4.28 -6.12 36.83
CA LYS B 296 -3.24 -6.07 37.84
C LYS B 296 -2.89 -4.64 38.26
N SER B 297 -3.34 -3.65 37.49
CA SER B 297 -3.08 -2.27 37.85
C SER B 297 -4.28 -1.66 38.55
N ARG B 298 -5.11 -2.54 39.12
CA ARG B 298 -6.19 -2.09 39.96
C ARG B 298 -5.98 -2.62 41.36
N ILE B 299 -4.90 -3.38 41.54
CA ILE B 299 -4.68 -4.10 42.80
C ILE B 299 -3.76 -3.39 43.82
N PRO B 300 -3.58 -2.07 43.68
CA PRO B 300 -3.37 -1.36 44.94
C PRO B 300 -4.74 -1.09 45.56
N GLY B 301 -5.66 -2.02 45.27
CA GLY B 301 -6.96 -2.06 45.91
C GLY B 301 -6.81 -2.79 47.21
N ILE B 302 -5.86 -3.71 47.28
CA ILE B 302 -5.51 -4.33 48.55
C ILE B 302 -4.80 -3.29 49.43
N GLN B 303 -5.63 -2.50 50.10
CA GLN B 303 -5.24 -1.24 50.71
C GLN B 303 -6.58 -0.61 50.98
N SER B 304 -7.50 -0.77 50.03
CA SER B 304 -8.91 -0.52 50.28
C SER B 304 -9.52 -1.77 50.94
N LEU B 305 -8.70 -2.81 51.09
CA LEU B 305 -9.00 -3.92 51.99
C LEU B 305 -8.34 -3.62 53.31
N ILE B 306 -7.03 -3.85 53.36
CA ILE B 306 -6.24 -3.77 54.59
C ILE B 306 -6.65 -2.63 55.56
N ASN B 307 -7.28 -1.58 55.03
CA ASN B 307 -8.04 -0.62 55.83
C ASN B 307 -9.07 -1.35 56.67
N LYS B 308 -10.03 -1.98 55.99
CA LYS B 308 -10.98 -2.84 56.66
C LYS B 308 -10.19 -4.01 57.18
N THR B 309 -9.69 -3.86 58.39
CA THR B 309 -8.81 -4.87 58.98
C THR B 309 -8.40 -4.43 60.38
N VAL B 310 -7.22 -3.84 60.48
CA VAL B 310 -6.76 -3.29 61.74
C VAL B 310 -7.71 -2.19 62.19
N LEU B 311 -8.61 -1.80 61.29
CA LEU B 311 -9.68 -0.88 61.64
C LEU B 311 -10.87 -1.69 62.05
N GLU B 312 -10.59 -2.90 62.51
CA GLU B 312 -11.61 -3.85 62.89
C GLU B 312 -11.02 -5.06 63.59
N LEU B 313 -9.75 -5.36 63.33
CA LEU B 313 -8.99 -6.26 64.20
C LEU B 313 -8.80 -5.49 65.49
N GLU B 314 -8.98 -4.18 65.39
CA GLU B 314 -8.83 -3.34 66.54
C GLU B 314 -10.17 -3.17 67.26
N THR B 315 -11.27 -3.45 66.58
CA THR B 315 -12.58 -3.33 67.23
C THR B 315 -12.96 -4.59 68.00
N PRO B 334 -23.43 -9.53 74.42
CA PRO B 334 -24.69 -9.76 73.68
C PRO B 334 -24.61 -9.26 72.24
N ALA B 335 -24.13 -10.12 71.34
CA ALA B 335 -23.97 -9.81 69.92
C ALA B 335 -23.10 -8.58 69.65
N ILE B 336 -21.86 -8.84 69.23
CA ILE B 336 -20.91 -7.78 68.96
C ILE B 336 -19.67 -8.30 68.19
N MET B 337 -18.99 -9.29 68.77
CA MET B 337 -17.72 -9.79 68.21
C MET B 337 -17.92 -10.70 67.00
N GLU B 338 -19.17 -10.93 66.64
CA GLU B 338 -19.57 -11.66 65.43
C GLU B 338 -18.54 -11.57 64.30
N ARG B 339 -18.10 -10.32 64.02
CA ARG B 339 -16.97 -10.01 63.14
C ARG B 339 -16.40 -11.25 62.47
N ARG B 340 -15.43 -11.85 63.16
CA ARG B 340 -14.72 -13.03 62.69
C ARG B 340 -14.92 -13.32 61.20
N SER B 341 -16.19 -13.34 60.75
CA SER B 341 -16.50 -13.68 59.36
C SER B 341 -16.07 -12.62 58.32
N ALA B 342 -16.51 -11.37 58.46
CA ALA B 342 -16.04 -10.31 57.56
C ALA B 342 -14.51 -10.18 57.60
N ILE B 343 -13.87 -10.96 58.46
CA ILE B 343 -12.42 -11.00 58.51
C ILE B 343 -11.94 -12.32 57.95
N SER B 344 -12.76 -13.35 58.09
CA SER B 344 -12.46 -14.61 57.44
C SER B 344 -12.54 -14.38 55.92
N LYS B 345 -13.55 -13.63 55.48
CA LYS B 345 -13.68 -13.29 54.07
C LYS B 345 -12.60 -12.32 53.58
N ARG B 346 -12.37 -11.24 54.32
CA ARG B 346 -11.32 -10.31 53.97
C ARG B 346 -9.95 -10.84 54.33
N LEU B 347 -9.83 -12.17 54.39
CA LEU B 347 -8.51 -12.78 54.54
C LEU B 347 -8.37 -13.89 53.51
N GLU B 348 -9.52 -14.35 52.99
CA GLU B 348 -9.53 -15.28 51.87
C GLU B 348 -9.46 -14.51 50.55
N LEU B 349 -9.77 -13.22 50.61
CA LEU B 349 -9.48 -12.33 49.50
C LEU B 349 -7.98 -12.27 49.39
N TYR B 350 -7.29 -12.41 50.51
CA TYR B 350 -5.85 -12.55 50.45
C TYR B 350 -5.49 -13.91 49.90
N ARG B 351 -6.38 -14.89 50.03
CA ARG B 351 -6.08 -16.20 49.45
C ARG B 351 -5.97 -16.03 47.94
N ALA B 352 -6.82 -15.17 47.39
CA ALA B 352 -6.87 -14.92 45.96
C ALA B 352 -5.95 -13.77 45.52
N ALA B 353 -6.13 -12.57 46.09
CA ALA B 353 -5.29 -11.41 45.73
C ALA B 353 -3.84 -11.57 46.18
N GLN B 354 -3.51 -12.75 46.68
CA GLN B 354 -2.12 -13.10 46.97
C GLN B 354 -1.80 -14.40 46.25
N SER B 355 -2.68 -14.79 45.31
CA SER B 355 -2.45 -15.93 44.43
C SER B 355 -2.53 -15.54 42.94
N GLU B 356 -2.19 -14.28 42.67
CA GLU B 356 -2.10 -13.72 41.32
C GLU B 356 -0.81 -12.90 41.29
N ILE B 357 0.06 -13.19 42.26
CA ILE B 357 1.19 -12.33 42.64
C ILE B 357 2.32 -12.13 41.60
N ASP B 358 2.94 -13.22 41.13
CA ASP B 358 4.02 -13.12 40.15
C ASP B 358 3.52 -13.15 38.68
N ALA B 359 2.20 -13.11 38.51
CA ALA B 359 1.53 -13.26 37.19
C ALA B 359 2.20 -12.60 35.98
N VAL B 360 2.30 -11.27 35.98
CA VAL B 360 2.88 -10.54 34.85
C VAL B 360 3.57 -9.23 35.26
#